data_7F2L
#
_entry.id   7F2L
#
_cell.length_a   57.962
_cell.length_b   80.559
_cell.length_c   163.544
_cell.angle_alpha   90.000
_cell.angle_beta   90.000
_cell.angle_gamma   90.000
#
_symmetry.space_group_name_H-M   'P 21 21 21'
#
loop_
_entity.id
_entity.type
_entity.pdbx_description
1 polymer "Isoform 3 of cAMP-specific 3',5'-cyclic phosphodiesterase 4D"
2 non-polymer 'ZINC ION'
3 non-polymer 'MAGNESIUM ION'
4 non-polymer '(~{E})-4-[9-[(4-fluorophenyl)methoxy]-8-methoxy-2,2-dimethyl-7-(3-methylbut-2-enyl)-6-oxidanylidene-pyrano[3,2-b]xanthen-5-yl]oxybut-2-enoic acid'
5 water water
#
_entity_poly.entity_id   1
_entity_poly.type   'polypeptide(L)'
_entity_poly.pdbx_seq_one_letter_code
;MASNKFKRMLNRELTHLSEMSRSGNQVSEFISNTFLDKQHEVEIPSPTQKEKEKKKRPMSQISGVKKLMHSSSLTNSSIP
RFGVKTEQEDVLAKELEDVNKWGLHVFRIAELSGNRPLTVIMHTIFQERDLLKTFKIPVDTLITYLMTLEDHYHADVAYH
NNIHAADVVQSTHVLLSTPALEAVFTDLEILAAIFASAIHDVDHPGVSNQFLINTNSELALMYNDSSVLENHHLAVGFKL
LQEENCDIFQNLTKKQRQSLRKMVIDIVLATDMSKHMNLLADLKTMVETKKVTSSGVLLLDNYSDRIQVLQNMVHCADLS
NPTKPLQLYRQWTDRIMEEFFRQGDRERERGMEISPMCDKHNASVEKSQVGFIDYIVHPLWETWADLVHPDAQDILDTLE
DNREWYQSTIPQSPSPAPDDPEEGRQGQTEKFQFELTLEEDGESDTEKDSGSQVEEDTSCSDSKTLCTQDSESTEIPLDE
QVEEEAVGEEEESQPEACVIDDRSPDT
;
_entity_poly.pdbx_strand_id   A,B
#
loop_
_chem_comp.id
_chem_comp.type
_chem_comp.name
_chem_comp.formula
1AS non-polymer '(~{E})-4-[9-[(4-fluorophenyl)methoxy]-8-methoxy-2,2-dimethyl-7-(3-methylbut-2-enyl)-6-oxidanylidene-pyrano[3,2-b]xanthen-5-yl]oxybut-2-enoic acid' 'C35 H33 F O8'
MG non-polymer 'MAGNESIUM ION' 'Mg 2'
ZN non-polymer 'ZINC ION' 'Zn 2'
#
# COMPACT_ATOMS: atom_id res chain seq x y z
N VAL A 91 36.88 -18.99 16.69
CA VAL A 91 37.11 -18.57 15.30
C VAL A 91 35.95 -17.73 14.81
N LEU A 92 34.75 -18.32 14.86
CA LEU A 92 33.55 -17.52 14.64
C LEU A 92 33.50 -16.35 15.61
N ALA A 93 33.75 -16.61 16.89
CA ALA A 93 33.78 -15.53 17.88
C ALA A 93 34.83 -14.49 17.48
N LYS A 94 35.95 -14.95 16.93
CA LYS A 94 36.97 -14.03 16.44
C LYS A 94 36.44 -13.18 15.30
N GLU A 95 35.79 -13.80 14.30
CA GLU A 95 35.27 -13.02 13.17
C GLU A 95 34.16 -12.06 13.61
N LEU A 96 33.34 -12.47 14.57
CA LEU A 96 32.29 -11.60 15.10
C LEU A 96 32.83 -10.42 15.89
N GLU A 97 34.15 -10.37 16.13
CA GLU A 97 34.76 -9.18 16.72
C GLU A 97 34.76 -8.00 15.77
N ASP A 98 34.66 -8.24 14.45
CA ASP A 98 34.65 -7.18 13.46
C ASP A 98 33.26 -6.59 13.21
N VAL A 99 32.31 -6.83 14.10
CA VAL A 99 30.91 -6.48 13.83
C VAL A 99 30.72 -4.98 13.67
N ASN A 100 31.62 -4.18 14.22
CA ASN A 100 31.49 -2.73 14.11
C ASN A 100 32.23 -2.17 12.90
N LYS A 101 32.76 -3.02 12.03
CA LYS A 101 33.61 -2.59 10.95
C LYS A 101 32.91 -2.80 9.61
N TRP A 102 33.11 -1.85 8.70
CA TRP A 102 32.65 -2.01 7.34
C TRP A 102 33.47 -3.08 6.67
N GLY A 103 32.82 -3.93 5.89
CA GLY A 103 33.60 -4.96 5.25
C GLY A 103 33.90 -6.15 6.12
N LEU A 104 33.17 -6.32 7.23
CA LEU A 104 33.05 -7.62 7.90
C LEU A 104 32.99 -8.72 6.86
N HIS A 105 33.56 -9.89 7.12
CA HIS A 105 33.52 -10.94 6.11
C HIS A 105 32.28 -11.77 6.36
N VAL A 106 31.18 -11.39 5.74
CA VAL A 106 29.91 -11.97 6.13
C VAL A 106 29.80 -13.39 5.60
N PHE A 107 30.42 -13.69 4.45
CA PHE A 107 30.35 -15.04 3.90
C PHE A 107 31.10 -16.02 4.79
N ARG A 108 32.25 -15.64 5.32
CA ARG A 108 32.92 -16.56 6.25
C ARG A 108 32.11 -16.78 7.51
N ILE A 109 31.44 -15.73 8.00
CA ILE A 109 30.60 -15.90 9.16
C ILE A 109 29.44 -16.84 8.84
N ALA A 110 28.93 -16.78 7.61
CA ALA A 110 27.86 -17.70 7.22
C ALA A 110 28.35 -19.14 7.26
N GLU A 111 29.57 -19.39 6.79
CA GLU A 111 30.12 -20.74 6.82
C GLU A 111 30.41 -21.17 8.24
N LEU A 112 31.12 -20.33 9.00
CA LEU A 112 31.52 -20.65 10.37
C LEU A 112 30.34 -20.79 11.30
N SER A 113 29.17 -20.31 10.92
CA SER A 113 27.99 -20.40 11.77
C SER A 113 27.02 -21.46 11.30
N GLY A 114 27.39 -22.27 10.32
CA GLY A 114 26.49 -23.30 9.85
C GLY A 114 25.28 -22.70 9.18
N ASN A 115 25.52 -21.76 8.29
CA ASN A 115 24.48 -21.05 7.53
C ASN A 115 23.53 -20.29 8.45
N ARG A 116 24.08 -19.72 9.51
CA ARG A 116 23.28 -18.85 10.37
C ARG A 116 23.88 -17.45 10.50
N PRO A 117 24.26 -16.79 9.40
CA PRO A 117 24.82 -15.44 9.57
C PRO A 117 23.85 -14.48 10.22
N LEU A 118 22.53 -14.60 9.93
CA LEU A 118 21.56 -13.62 10.40
C LEU A 118 21.37 -13.71 11.90
N THR A 119 21.17 -14.93 12.41
CA THR A 119 21.06 -15.13 13.86
C THR A 119 22.30 -14.63 14.60
N VAL A 120 23.50 -15.07 14.20
CA VAL A 120 24.66 -14.73 15.02
C VAL A 120 24.99 -13.25 14.91
N ILE A 121 24.84 -12.66 13.73
CA ILE A 121 25.16 -11.25 13.60
C ILE A 121 24.17 -10.39 14.38
N MET A 122 22.88 -10.70 14.29
CA MET A 122 21.87 -9.97 15.07
C MET A 122 22.07 -10.15 16.57
N HIS A 123 22.36 -11.37 17.00
CA HIS A 123 22.61 -11.61 18.41
C HIS A 123 23.81 -10.82 18.89
N THR A 124 24.91 -10.87 18.14
CA THR A 124 26.09 -10.08 18.44
C THR A 124 25.75 -8.60 18.54
N ILE A 125 25.01 -8.07 17.57
CA ILE A 125 24.69 -6.64 17.56
C ILE A 125 23.81 -6.27 18.76
N PHE A 126 22.77 -7.08 19.04
CA PHE A 126 21.91 -6.78 20.18
C PHE A 126 22.71 -6.73 21.48
N GLN A 127 23.61 -7.71 21.68
CA GLN A 127 24.48 -7.66 22.85
C GLN A 127 25.34 -6.40 22.85
N GLU A 128 25.97 -6.10 21.71
CA GLU A 128 26.87 -4.95 21.63
C GLU A 128 26.13 -3.65 21.95
N ARG A 129 24.89 -3.51 21.49
CA ARG A 129 24.09 -2.32 21.81
C ARG A 129 23.31 -2.47 23.11
N ASP A 130 23.40 -3.61 23.80
CA ASP A 130 22.75 -3.82 25.10
C ASP A 130 21.23 -3.75 24.96
N LEU A 131 20.74 -4.17 23.79
CA LEU A 131 19.32 -4.05 23.52
C LEU A 131 18.52 -5.09 24.30
N LEU A 132 19.13 -6.24 24.63
CA LEU A 132 18.41 -7.22 25.43
C LEU A 132 18.07 -6.66 26.82
N LYS A 133 19.01 -5.98 27.46
CA LYS A 133 18.70 -5.38 28.75
C LYS A 133 17.78 -4.18 28.60
N THR A 134 18.02 -3.33 27.60
CA THR A 134 17.21 -2.13 27.45
C THR A 134 15.74 -2.48 27.26
N PHE A 135 15.46 -3.54 26.50
CA PHE A 135 14.09 -3.86 26.12
C PHE A 135 13.64 -5.17 26.73
N LYS A 136 14.37 -5.69 27.72
CA LYS A 136 13.97 -6.88 28.47
C LYS A 136 13.64 -8.01 27.51
N ILE A 137 14.54 -8.27 26.55
CA ILE A 137 14.34 -9.32 25.56
C ILE A 137 14.96 -10.60 26.10
N PRO A 138 14.17 -11.62 26.46
CA PRO A 138 14.78 -12.88 26.91
C PRO A 138 15.67 -13.44 25.81
N VAL A 139 16.88 -13.85 26.22
CA VAL A 139 17.86 -14.32 25.25
C VAL A 139 17.32 -15.49 24.44
N ASP A 140 16.57 -16.39 25.06
CA ASP A 140 16.07 -17.57 24.33
C ASP A 140 15.00 -17.18 23.33
N THR A 141 14.18 -16.18 23.69
CA THR A 141 13.20 -15.65 22.74
C THR A 141 13.88 -15.04 21.53
N LEU A 142 14.97 -14.28 21.76
CA LEU A 142 15.68 -13.65 20.65
C LEU A 142 16.21 -14.70 19.69
N ILE A 143 16.95 -15.70 20.22
CA ILE A 143 17.49 -16.75 19.36
C ILE A 143 16.37 -17.48 18.63
N THR A 144 15.28 -17.78 19.35
CA THR A 144 14.20 -18.53 18.72
C THR A 144 13.59 -17.77 17.56
N TYR A 145 13.39 -16.45 17.73
CA TYR A 145 12.84 -15.65 16.64
C TYR A 145 13.82 -15.54 15.49
N LEU A 146 15.08 -15.22 15.79
CA LEU A 146 16.08 -15.07 14.73
C LEU A 146 16.18 -16.34 13.90
N MET A 147 16.17 -17.49 14.54
CA MET A 147 16.30 -18.73 13.79
C MET A 147 15.08 -19.02 12.93
N THR A 148 13.88 -18.73 13.46
CA THR A 148 12.68 -18.84 12.63
C THR A 148 12.71 -17.84 11.46
N LEU A 149 13.10 -16.60 11.74
CA LEU A 149 13.18 -15.59 10.68
C LEU A 149 14.18 -16.01 9.61
N GLU A 150 15.38 -16.43 10.03
CA GLU A 150 16.38 -16.92 9.10
C GLU A 150 15.84 -18.09 8.28
N ASP A 151 15.08 -19.01 8.91
CA ASP A 151 14.51 -20.13 8.18
C ASP A 151 13.64 -19.67 7.00
N HIS A 152 12.93 -18.55 7.14
CA HIS A 152 12.02 -18.11 6.10
C HIS A 152 12.69 -17.26 5.02
N TYR A 153 14.02 -17.11 5.04
CA TYR A 153 14.76 -16.71 3.85
C TYR A 153 15.06 -17.96 3.03
N HIS A 154 15.06 -17.82 1.72
CA HIS A 154 15.23 -19.00 0.87
C HIS A 154 16.70 -19.31 0.68
N ALA A 155 17.10 -20.51 1.13
CA ALA A 155 18.48 -20.95 0.96
C ALA A 155 18.82 -21.20 -0.50
N ASP A 156 17.84 -21.40 -1.38
CA ASP A 156 18.09 -21.67 -2.78
C ASP A 156 17.90 -20.45 -3.67
N VAL A 157 18.00 -19.26 -3.09
CA VAL A 157 17.97 -18.01 -3.85
C VAL A 157 19.33 -17.38 -3.66
N ALA A 158 19.98 -17.00 -4.77
CA ALA A 158 21.43 -16.77 -4.67
C ALA A 158 21.79 -15.44 -4.00
N TYR A 159 20.99 -14.40 -4.21
CA TYR A 159 21.27 -13.09 -3.60
C TYR A 159 20.35 -12.74 -2.43
N HIS A 160 19.03 -12.80 -2.64
CA HIS A 160 18.06 -12.32 -1.65
C HIS A 160 17.80 -13.36 -0.56
N ASN A 161 18.84 -13.66 0.19
CA ASN A 161 18.79 -14.72 1.19
C ASN A 161 19.19 -14.19 2.58
N ASN A 162 19.40 -15.15 3.49
CA ASN A 162 19.77 -14.79 4.85
C ASN A 162 21.16 -14.15 4.92
N ILE A 163 22.05 -14.44 3.96
CA ILE A 163 23.35 -13.78 3.97
C ILE A 163 23.19 -12.29 3.66
N HIS A 164 22.44 -11.98 2.59
CA HIS A 164 22.07 -10.59 2.32
C HIS A 164 21.44 -9.92 3.52
N ALA A 165 20.52 -10.62 4.20
CA ALA A 165 19.85 -10.03 5.36
C ALA A 165 20.83 -9.70 6.47
N ALA A 166 21.72 -10.63 6.79
CA ALA A 166 22.78 -10.37 7.77
C ALA A 166 23.66 -9.21 7.34
N ASP A 167 24.00 -9.16 6.06
CA ASP A 167 24.86 -8.10 5.56
C ASP A 167 24.22 -6.73 5.76
N VAL A 168 22.92 -6.61 5.46
CA VAL A 168 22.22 -5.33 5.54
C VAL A 168 22.04 -4.90 7.00
N VAL A 169 21.68 -5.85 7.87
CA VAL A 169 21.67 -5.61 9.32
C VAL A 169 22.99 -5.02 9.79
N GLN A 170 24.08 -5.74 9.53
CA GLN A 170 25.40 -5.31 10.01
C GLN A 170 25.79 -3.96 9.43
N SER A 171 25.47 -3.75 8.14
CA SER A 171 25.79 -2.47 7.50
C SER A 171 24.95 -1.34 8.11
N THR A 172 23.67 -1.58 8.35
CA THR A 172 22.87 -0.58 9.05
C THR A 172 23.45 -0.32 10.43
N HIS A 173 23.87 -1.37 11.13
CA HIS A 173 24.47 -1.23 12.45
C HIS A 173 25.66 -0.28 12.42
N VAL A 174 26.54 -0.41 11.43
CA VAL A 174 27.70 0.45 11.33
C VAL A 174 27.27 1.88 10.97
N LEU A 175 26.32 2.04 10.06
CA LEU A 175 25.89 3.39 9.69
C LEU A 175 25.23 4.09 10.87
N LEU A 176 24.61 3.34 11.78
CA LEU A 176 23.98 3.94 12.94
C LEU A 176 25.02 4.50 13.91
N SER A 177 26.23 3.96 13.90
CA SER A 177 27.31 4.40 14.77
C SER A 177 28.09 5.58 14.23
N THR A 178 27.67 6.18 13.14
CA THR A 178 28.46 7.25 12.58
C THR A 178 28.48 8.45 13.54
N PRO A 179 29.64 9.09 13.73
CA PRO A 179 29.71 10.23 14.67
C PRO A 179 28.67 11.31 14.43
N ALA A 180 28.38 11.67 13.18
CA ALA A 180 27.41 12.72 12.90
C ALA A 180 26.00 12.37 13.37
N LEU A 181 25.74 11.12 13.76
CA LEU A 181 24.44 10.71 14.28
C LEU A 181 24.50 10.29 15.75
N GLU A 182 25.59 10.60 16.45
CA GLU A 182 25.72 10.15 17.83
C GLU A 182 24.63 10.79 18.68
N ALA A 183 23.90 9.95 19.41
CA ALA A 183 22.80 10.33 20.30
C ALA A 183 21.65 10.99 19.54
N VAL A 184 21.54 10.78 18.23
CA VAL A 184 20.42 11.35 17.48
C VAL A 184 19.17 10.50 17.67
N PHE A 185 19.30 9.19 17.57
CA PHE A 185 18.15 8.31 17.57
C PHE A 185 17.96 7.64 18.92
N THR A 186 16.70 7.38 19.26
CA THR A 186 16.42 6.71 20.52
C THR A 186 16.74 5.23 20.37
N ASP A 187 16.84 4.56 21.52
CA ASP A 187 17.01 3.10 21.53
C ASP A 187 15.91 2.43 20.71
N LEU A 188 14.67 2.95 20.81
CA LEU A 188 13.57 2.34 20.07
C LEU A 188 13.76 2.51 18.57
N GLU A 189 14.23 3.69 18.13
CA GLU A 189 14.47 3.90 16.71
C GLU A 189 15.62 3.04 16.22
N ILE A 190 16.70 2.96 17.01
CA ILE A 190 17.78 2.05 16.71
C ILE A 190 17.25 0.63 16.55
N LEU A 191 16.42 0.19 17.51
CA LEU A 191 15.82 -1.14 17.42
C LEU A 191 15.00 -1.30 16.15
N ALA A 192 14.21 -0.27 15.79
CA ALA A 192 13.37 -0.38 14.62
C ALA A 192 14.20 -0.56 13.35
N ALA A 193 15.30 0.20 13.23
CA ALA A 193 16.05 0.14 11.98
C ALA A 193 16.79 -1.18 11.85
N ILE A 194 17.27 -1.74 12.95
CA ILE A 194 17.94 -3.03 12.89
C ILE A 194 16.93 -4.14 12.61
N PHE A 195 15.83 -4.16 13.37
CA PHE A 195 14.77 -5.10 13.08
C PHE A 195 14.31 -5.02 11.63
N ALA A 196 14.06 -3.80 11.14
CA ALA A 196 13.66 -3.63 9.75
C ALA A 196 14.70 -4.20 8.79
N SER A 197 15.98 -3.96 9.05
CA SER A 197 17.02 -4.52 8.17
C SER A 197 16.95 -6.03 8.13
N ALA A 198 16.71 -6.67 9.28
CA ALA A 198 16.74 -8.14 9.37
C ALA A 198 15.59 -8.79 8.61
N ILE A 199 14.39 -8.19 8.64
CA ILE A 199 13.23 -8.75 7.98
C ILE A 199 13.04 -8.25 6.56
N HIS A 200 13.88 -7.32 6.10
CA HIS A 200 13.50 -6.50 4.94
C HIS A 200 13.35 -7.29 3.64
N ASP A 201 13.89 -8.53 3.55
CA ASP A 201 13.72 -9.33 2.34
C ASP A 201 13.21 -10.75 2.62
N VAL A 202 12.65 -11.00 3.81
CA VAL A 202 12.33 -12.36 4.20
C VAL A 202 11.34 -12.99 3.23
N ASP A 203 11.55 -14.27 2.92
CA ASP A 203 10.71 -15.02 1.99
C ASP A 203 10.74 -14.44 0.57
N HIS A 204 11.79 -13.69 0.23
CA HIS A 204 12.00 -13.25 -1.14
C HIS A 204 12.12 -14.48 -2.04
N PRO A 205 11.30 -14.61 -3.08
CA PRO A 205 11.36 -15.78 -3.96
C PRO A 205 12.37 -15.67 -5.09
N GLY A 206 13.14 -14.59 -5.17
CA GLY A 206 14.17 -14.51 -6.17
C GLY A 206 13.78 -13.87 -7.49
N VAL A 207 12.58 -13.30 -7.59
CA VAL A 207 12.14 -12.58 -8.76
C VAL A 207 11.66 -11.21 -8.34
N SER A 208 11.62 -10.27 -9.30
CA SER A 208 11.30 -8.88 -9.02
C SER A 208 9.78 -8.67 -8.90
N ASN A 209 9.41 -7.51 -8.32
CA ASN A 209 8.02 -7.07 -8.30
C ASN A 209 7.40 -7.11 -9.69
N GLN A 210 8.12 -6.63 -10.71
CA GLN A 210 7.51 -6.55 -12.03
C GLN A 210 7.24 -7.93 -12.58
N PHE A 211 8.15 -8.87 -12.35
CA PHE A 211 7.92 -10.26 -12.74
C PHE A 211 6.69 -10.81 -12.04
N LEU A 212 6.56 -10.54 -10.74
CA LEU A 212 5.40 -11.05 -10.00
C LEU A 212 4.11 -10.41 -10.49
N ILE A 213 4.17 -9.14 -10.92
CA ILE A 213 2.98 -8.48 -11.48
C ILE A 213 2.63 -9.06 -12.84
N ASN A 214 3.62 -9.18 -13.73
CA ASN A 214 3.40 -9.64 -15.09
C ASN A 214 3.00 -11.11 -15.17
N THR A 215 3.33 -11.93 -14.17
CA THR A 215 2.91 -13.32 -14.17
C THR A 215 1.65 -13.53 -13.37
N ASN A 216 0.97 -12.44 -13.01
CA ASN A 216 -0.30 -12.50 -12.27
C ASN A 216 -0.19 -13.44 -11.08
N SER A 217 0.92 -13.30 -10.35
CA SER A 217 1.20 -14.12 -9.18
C SER A 217 0.21 -13.85 -8.07
N GLU A 218 0.15 -14.80 -7.13
CA GLU A 218 -0.68 -14.65 -5.95
C GLU A 218 -0.22 -13.44 -5.10
N LEU A 219 1.08 -13.23 -4.99
CA LEU A 219 1.57 -12.07 -4.24
C LEU A 219 1.09 -10.76 -4.86
N ALA A 220 1.18 -10.65 -6.18
CA ALA A 220 0.74 -9.41 -6.81
C ALA A 220 -0.76 -9.21 -6.66
N LEU A 221 -1.54 -10.30 -6.70
CA LEU A 221 -2.99 -10.21 -6.50
C LEU A 221 -3.35 -9.78 -5.09
N MET A 222 -2.60 -10.26 -4.11
CA MET A 222 -2.87 -9.90 -2.71
C MET A 222 -2.58 -8.43 -2.46
N TYR A 223 -1.50 -7.91 -3.05
CA TYR A 223 -1.03 -6.58 -2.72
C TYR A 223 -1.30 -5.55 -3.82
N ASN A 224 -2.10 -5.89 -4.82
CA ASN A 224 -2.58 -4.93 -5.83
C ASN A 224 -1.44 -4.21 -6.54
N ASP A 225 -0.40 -4.96 -6.90
CA ASP A 225 0.71 -4.50 -7.73
C ASP A 225 1.51 -3.38 -7.10
N SER A 226 1.35 -3.13 -5.79
CA SER A 226 1.99 -1.98 -5.14
C SER A 226 2.96 -2.48 -4.07
N SER A 227 4.26 -2.25 -4.29
CA SER A 227 5.29 -2.71 -3.34
C SER A 227 5.03 -4.15 -2.90
N VAL A 228 4.82 -5.03 -3.88
CA VAL A 228 4.33 -6.39 -3.61
C VAL A 228 5.26 -7.13 -2.67
N LEU A 229 6.55 -7.16 -2.99
CA LEU A 229 7.49 -7.92 -2.18
C LEU A 229 7.64 -7.30 -0.79
N GLU A 230 7.72 -5.97 -0.76
CA GLU A 230 8.03 -5.24 0.47
C GLU A 230 6.90 -5.37 1.49
N ASN A 231 5.65 -5.35 1.01
CA ASN A 231 4.52 -5.63 1.90
C ASN A 231 4.59 -7.04 2.46
N HIS A 232 5.00 -8.00 1.62
CA HIS A 232 5.08 -9.38 2.04
C HIS A 232 6.21 -9.58 3.05
N HIS A 233 7.39 -8.99 2.82
CA HIS A 233 8.48 -9.11 3.79
C HIS A 233 8.02 -8.66 5.18
N LEU A 234 7.35 -7.50 5.25
CA LEU A 234 6.82 -7.01 6.50
C LEU A 234 5.80 -7.98 7.08
N ALA A 235 4.83 -8.42 6.27
CA ALA A 235 3.79 -9.32 6.76
C ALA A 235 4.39 -10.56 7.41
N VAL A 236 5.41 -11.15 6.77
CA VAL A 236 6.05 -12.35 7.28
C VAL A 236 6.86 -12.04 8.54
N GLY A 237 7.63 -10.96 8.50
CA GLY A 237 8.48 -10.62 9.63
C GLY A 237 7.71 -10.34 10.90
N PHE A 238 6.54 -9.70 10.77
CA PHE A 238 5.70 -9.45 11.94
C PHE A 238 4.95 -10.71 12.36
N LYS A 239 4.44 -11.49 11.40
CA LYS A 239 3.69 -12.69 11.75
C LYS A 239 4.54 -13.66 12.57
N LEU A 240 5.81 -13.84 12.19
CA LEU A 240 6.66 -14.78 12.91
C LEU A 240 6.85 -14.40 14.38
N LEU A 241 6.67 -13.13 14.72
CA LEU A 241 6.71 -12.72 16.12
C LEU A 241 5.69 -13.47 16.98
N GLN A 242 4.66 -14.02 16.37
CA GLN A 242 3.61 -14.66 17.15
C GLN A 242 3.82 -16.15 17.34
N GLU A 243 4.81 -16.75 16.66
CA GLU A 243 5.13 -18.15 16.84
C GLU A 243 5.57 -18.41 18.28
N GLU A 244 5.59 -19.68 18.67
CA GLU A 244 5.88 -20.02 20.06
C GLU A 244 7.23 -19.47 20.49
N ASN A 245 7.21 -18.69 21.58
CA ASN A 245 8.42 -18.09 22.17
C ASN A 245 9.18 -17.22 21.16
N CYS A 246 8.46 -16.49 20.33
CA CYS A 246 9.12 -15.65 19.33
C CYS A 246 8.90 -14.17 19.52
N ASP A 247 8.11 -13.73 20.50
CA ASP A 247 7.77 -12.31 20.57
C ASP A 247 8.90 -11.60 21.30
N ILE A 248 9.88 -11.16 20.51
CA ILE A 248 11.00 -10.44 21.09
C ILE A 248 10.60 -9.08 21.59
N PHE A 249 9.39 -8.62 21.28
CA PHE A 249 8.92 -7.31 21.73
C PHE A 249 7.93 -7.43 22.89
N GLN A 250 7.91 -8.58 23.57
CA GLN A 250 6.89 -8.87 24.57
C GLN A 250 6.92 -7.91 25.76
N ASN A 251 8.05 -7.27 26.06
CA ASN A 251 8.13 -6.39 27.21
C ASN A 251 8.20 -4.91 26.84
N LEU A 252 7.98 -4.57 25.58
CA LEU A 252 7.80 -3.16 25.24
C LEU A 252 6.44 -2.69 25.73
N THR A 253 6.34 -1.40 26.05
CA THR A 253 5.02 -0.85 26.32
C THR A 253 4.17 -0.88 25.05
N LYS A 254 2.86 -0.65 25.25
CA LYS A 254 1.95 -0.53 24.11
C LYS A 254 2.36 0.60 23.18
N LYS A 255 2.62 1.79 23.74
CA LYS A 255 3.08 2.90 22.90
C LYS A 255 4.36 2.53 22.15
N GLN A 256 5.32 1.89 22.84
CA GLN A 256 6.57 1.49 22.20
C GLN A 256 6.31 0.54 21.03
N ARG A 257 5.50 -0.49 21.25
CA ARG A 257 5.20 -1.43 20.18
C ARG A 257 4.57 -0.73 18.99
N GLN A 258 3.54 0.08 19.23
CA GLN A 258 2.87 0.81 18.16
C GLN A 258 3.86 1.62 17.34
N SER A 259 4.71 2.38 18.03
CA SER A 259 5.65 3.26 17.36
C SER A 259 6.69 2.47 16.58
N LEU A 260 7.22 1.39 17.18
CA LEU A 260 8.19 0.58 16.46
C LEU A 260 7.57 -0.01 15.21
N ARG A 261 6.37 -0.57 15.33
CA ARG A 261 5.72 -1.19 14.18
C ARG A 261 5.61 -0.20 13.03
N LYS A 262 5.14 1.03 13.30
CA LYS A 262 4.97 2.01 12.23
C LYS A 262 6.30 2.35 11.58
N MET A 263 7.35 2.56 12.39
CA MET A 263 8.66 2.90 11.84
C MET A 263 9.19 1.77 10.97
N VAL A 264 9.03 0.53 11.44
CA VAL A 264 9.51 -0.63 10.67
C VAL A 264 8.79 -0.70 9.32
N ILE A 265 7.47 -0.50 9.33
CA ILE A 265 6.74 -0.47 8.07
C ILE A 265 7.25 0.65 7.18
N ASP A 266 7.37 1.86 7.75
CA ASP A 266 7.84 2.98 6.94
C ASP A 266 9.21 2.69 6.33
N ILE A 267 10.07 1.98 7.07
CA ILE A 267 11.43 1.76 6.58
C ILE A 267 11.43 0.70 5.47
N VAL A 268 10.75 -0.43 5.67
CA VAL A 268 10.86 -1.52 4.70
C VAL A 268 10.15 -1.16 3.39
N LEU A 269 8.99 -0.47 3.46
CA LEU A 269 8.32 -0.03 2.24
C LEU A 269 9.18 0.92 1.43
N ALA A 270 10.10 1.63 2.08
CA ALA A 270 11.02 2.51 1.40
C ALA A 270 12.15 1.76 0.69
N THR A 271 12.36 0.47 0.98
CA THR A 271 13.39 -0.27 0.27
C THR A 271 12.92 -0.73 -1.10
N ASP A 272 11.71 -0.44 -1.48
CA ASP A 272 11.23 -0.81 -2.80
C ASP A 272 12.02 0.07 -3.84
N MET A 273 12.78 -0.57 -4.71
CA MET A 273 13.59 0.13 -5.67
C MET A 273 12.80 1.11 -6.53
N SER A 274 11.53 0.87 -6.75
CA SER A 274 10.82 1.84 -7.57
C SER A 274 10.68 3.20 -6.90
N LYS A 275 10.97 3.30 -5.60
CA LYS A 275 10.94 4.56 -4.85
C LYS A 275 12.30 5.24 -4.73
N HIS A 276 13.34 4.66 -5.35
CA HIS A 276 14.69 5.17 -5.13
C HIS A 276 14.82 6.65 -5.52
N MET A 277 14.29 7.03 -6.67
CA MET A 277 14.45 8.40 -7.14
C MET A 277 13.80 9.40 -6.19
N ASN A 278 12.61 9.08 -5.69
CA ASN A 278 11.93 10.01 -4.79
C ASN A 278 12.60 10.04 -3.43
N LEU A 279 13.09 8.89 -2.97
CA LEU A 279 13.85 8.84 -1.72
C LEU A 279 15.16 9.64 -1.83
N LEU A 280 15.88 9.48 -2.93
CA LEU A 280 17.12 10.25 -3.11
C LEU A 280 16.82 11.74 -3.24
N ALA A 281 15.77 12.09 -3.98
CA ALA A 281 15.39 13.50 -4.12
C ALA A 281 15.11 14.14 -2.77
N ASP A 282 14.46 13.40 -1.88
CA ASP A 282 14.20 13.92 -0.54
C ASP A 282 15.49 14.06 0.25
N LEU A 283 16.40 13.11 0.10
CA LEU A 283 17.67 13.19 0.82
C LEU A 283 18.53 14.35 0.33
N LYS A 284 18.55 14.59 -0.98
CA LYS A 284 19.25 15.76 -1.50
C LYS A 284 18.70 17.02 -0.85
N THR A 285 17.37 17.16 -0.82
CA THR A 285 16.77 18.34 -0.20
C THR A 285 17.23 18.50 1.24
N MET A 286 17.25 17.39 2.01
CA MET A 286 17.66 17.47 3.40
C MET A 286 19.12 17.88 3.53
N VAL A 287 19.98 17.35 2.67
CA VAL A 287 21.38 17.75 2.73
C VAL A 287 21.52 19.24 2.43
N GLU A 288 20.72 19.76 1.49
CA GLU A 288 20.90 21.16 1.09
C GLU A 288 20.42 22.11 2.19
N THR A 289 19.46 21.68 3.01
CA THR A 289 18.95 22.45 4.13
C THR A 289 19.38 21.83 5.45
N LYS A 290 20.50 21.12 5.44
CA LYS A 290 20.96 20.37 6.60
C LYS A 290 21.24 21.30 7.77
N LYS A 291 20.77 20.90 8.96
CA LYS A 291 21.10 21.59 10.20
C LYS A 291 21.82 20.65 11.16
N VAL A 292 22.84 21.20 11.82
CA VAL A 292 23.64 20.47 12.81
C VAL A 292 23.55 21.22 14.14
N THR A 293 23.79 20.48 15.23
CA THR A 293 23.67 21.00 16.58
C THR A 293 24.99 21.55 17.07
N SER A 294 24.97 22.11 18.29
CA SER A 294 26.17 22.72 18.87
C SER A 294 27.32 21.73 18.98
N SER A 295 27.02 20.44 19.17
CA SER A 295 28.06 19.42 19.22
C SER A 295 28.49 18.90 17.85
N GLY A 296 27.93 19.44 16.76
CA GLY A 296 28.27 18.99 15.42
C GLY A 296 27.38 17.89 14.87
N VAL A 297 26.45 17.39 15.67
CA VAL A 297 25.62 16.24 15.33
C VAL A 297 24.41 16.69 14.54
N LEU A 298 23.90 15.80 13.68
CA LEU A 298 22.78 16.14 12.81
C LEU A 298 21.53 16.39 13.64
N LEU A 299 20.77 17.40 13.24
CA LEU A 299 19.62 17.88 14.00
C LEU A 299 18.34 17.43 13.29
N LEU A 300 17.53 16.65 13.99
CA LEU A 300 16.31 16.08 13.39
C LEU A 300 15.13 16.41 14.28
N ASP A 301 14.30 17.37 13.82
CA ASP A 301 13.26 18.04 14.62
C ASP A 301 11.97 17.23 14.77
N ASN A 302 11.66 16.40 13.79
CA ASN A 302 10.31 15.89 13.63
C ASN A 302 10.40 14.46 13.11
N TYR A 303 9.28 13.75 13.23
CA TYR A 303 9.24 12.37 12.73
C TYR A 303 9.68 12.32 11.28
N SER A 304 9.09 13.17 10.44
CA SER A 304 9.34 13.12 9.01
C SER A 304 10.84 13.12 8.70
N ASP A 305 11.61 14.01 9.34
CA ASP A 305 13.05 14.01 9.11
C ASP A 305 13.71 12.77 9.68
N ARG A 306 13.23 12.29 10.82
CA ARG A 306 13.91 11.17 11.46
C ARG A 306 13.68 9.88 10.68
N ILE A 307 12.44 9.65 10.23
CA ILE A 307 12.17 8.39 9.52
C ILE A 307 12.83 8.45 8.14
N GLN A 308 12.93 9.63 7.55
CA GLN A 308 13.50 9.71 6.23
C GLN A 308 14.98 9.41 6.27
N VAL A 309 15.65 9.77 7.37
CA VAL A 309 17.05 9.41 7.50
C VAL A 309 17.20 7.90 7.73
N LEU A 310 16.36 7.33 8.61
CA LEU A 310 16.40 5.89 8.79
C LEU A 310 16.01 5.13 7.52
N GLN A 311 15.08 5.67 6.73
CA GLN A 311 14.71 5.03 5.46
C GLN A 311 15.89 4.99 4.50
N ASN A 312 16.53 6.15 4.31
CA ASN A 312 17.67 6.22 3.42
C ASN A 312 18.86 5.44 3.96
N MET A 313 18.96 5.32 5.28
CA MET A 313 20.06 4.57 5.87
C MET A 313 19.96 3.10 5.49
N VAL A 314 18.79 2.51 5.69
CA VAL A 314 18.60 1.10 5.36
C VAL A 314 18.66 0.90 3.85
N HIS A 315 18.17 1.88 3.09
CA HIS A 315 18.28 1.83 1.64
C HIS A 315 19.75 1.84 1.20
N CYS A 316 20.58 2.64 1.90
CA CYS A 316 22.01 2.66 1.60
C CYS A 316 22.65 1.33 1.93
N ALA A 317 22.30 0.78 3.10
CA ALA A 317 22.77 -0.54 3.50
C ALA A 317 22.36 -1.58 2.47
N ASP A 318 21.17 -1.43 1.91
CA ASP A 318 20.70 -2.38 0.90
C ASP A 318 21.52 -2.26 -0.38
N LEU A 319 21.96 -1.05 -0.72
CA LEU A 319 22.72 -0.76 -1.92
C LEU A 319 24.20 -0.60 -1.63
N SER A 320 24.72 -1.31 -0.61
CA SER A 320 26.10 -1.10 -0.17
C SER A 320 27.10 -2.12 -0.70
N ASN A 321 26.68 -3.18 -1.41
CA ASN A 321 27.65 -4.12 -1.98
C ASN A 321 28.78 -3.42 -2.73
N PRO A 322 28.53 -2.41 -3.59
CA PRO A 322 29.63 -1.80 -4.34
C PRO A 322 30.58 -0.97 -3.49
N THR A 323 30.25 -0.70 -2.23
CA THR A 323 31.12 0.08 -1.36
C THR A 323 32.00 -0.80 -0.50
N LYS A 324 31.85 -2.12 -0.60
CA LYS A 324 32.59 -3.02 0.26
C LYS A 324 33.89 -3.42 -0.40
N PRO A 325 34.88 -3.94 0.40
CA PRO A 325 36.09 -4.52 -0.19
C PRO A 325 35.78 -5.37 -1.41
N LEU A 326 36.64 -5.32 -2.43
CA LEU A 326 36.30 -5.86 -3.74
C LEU A 326 36.01 -7.36 -3.71
N GLN A 327 36.72 -8.12 -2.86
CA GLN A 327 36.50 -9.56 -2.84
C GLN A 327 35.10 -9.92 -2.34
N LEU A 328 34.49 -9.04 -1.54
CA LEU A 328 33.10 -9.19 -1.13
C LEU A 328 32.16 -8.74 -2.23
N TYR A 329 32.40 -7.53 -2.74
CA TYR A 329 31.58 -6.99 -3.81
C TYR A 329 31.46 -7.98 -4.98
N ARG A 330 32.57 -8.56 -5.39
CA ARG A 330 32.53 -9.44 -6.56
C ARG A 330 31.60 -10.64 -6.34
N GLN A 331 31.60 -11.20 -5.12
CA GLN A 331 30.74 -12.34 -4.85
C GLN A 331 29.26 -11.93 -4.79
N TRP A 332 28.96 -10.69 -4.42
CA TRP A 332 27.59 -10.20 -4.50
C TRP A 332 27.14 -10.04 -5.96
N THR A 333 28.04 -9.59 -6.85
CA THR A 333 27.72 -9.48 -8.27
C THR A 333 27.41 -10.85 -8.87
N ASP A 334 28.29 -11.83 -8.62
CA ASP A 334 28.05 -13.22 -8.98
C ASP A 334 26.66 -13.66 -8.56
N ARG A 335 26.29 -13.38 -7.31
CA ARG A 335 25.03 -13.87 -6.77
C ARG A 335 23.84 -13.16 -7.40
N ILE A 336 23.92 -11.83 -7.56
CA ILE A 336 22.80 -11.11 -8.15
C ILE A 336 22.61 -11.55 -9.60
N MET A 337 23.72 -11.77 -10.32
CA MET A 337 23.59 -12.15 -11.72
C MET A 337 23.00 -13.56 -11.86
N GLU A 338 23.34 -14.47 -10.95
CA GLU A 338 22.72 -15.78 -11.03
C GLU A 338 21.21 -15.68 -10.82
N GLU A 339 20.79 -14.91 -9.81
CA GLU A 339 19.37 -14.74 -9.57
C GLU A 339 18.69 -14.02 -10.74
N PHE A 340 19.31 -12.95 -11.25
CA PHE A 340 18.77 -12.25 -12.42
C PHE A 340 18.66 -13.18 -13.63
N PHE A 341 19.74 -13.91 -13.96
CA PHE A 341 19.71 -14.78 -15.13
C PHE A 341 18.62 -15.83 -15.01
N ARG A 342 18.39 -16.33 -13.79
CA ARG A 342 17.35 -17.33 -13.55
C ARG A 342 15.97 -16.76 -13.83
N GLN A 343 15.69 -15.55 -13.34
CA GLN A 343 14.45 -14.89 -13.71
C GLN A 343 14.33 -14.76 -15.22
N GLY A 344 15.43 -14.38 -15.88
CA GLY A 344 15.40 -14.22 -17.33
C GLY A 344 15.11 -15.49 -18.10
N ASP A 345 15.56 -16.64 -17.57
CA ASP A 345 15.22 -17.92 -18.20
C ASP A 345 13.72 -18.19 -18.10
N ARG A 346 13.14 -18.01 -16.91
CA ARG A 346 11.69 -18.10 -16.75
C ARG A 346 10.95 -17.13 -17.67
N GLU A 347 11.43 -15.89 -17.79
CA GLU A 347 10.78 -14.95 -18.70
C GLU A 347 10.91 -15.42 -20.16
N ARG A 348 12.06 -15.98 -20.54
CA ARG A 348 12.21 -16.49 -21.90
C ARG A 348 11.25 -17.65 -22.15
N GLU A 349 11.25 -18.65 -21.26
CA GLU A 349 10.33 -19.77 -21.33
C GLU A 349 8.90 -19.31 -21.58
N ARG A 350 8.48 -18.25 -20.91
CA ARG A 350 7.08 -17.83 -20.95
C ARG A 350 6.79 -16.87 -22.10
N GLY A 351 7.73 -16.66 -23.01
CA GLY A 351 7.47 -15.76 -24.12
C GLY A 351 7.51 -14.29 -23.75
N MET A 352 7.80 -13.96 -22.50
CA MET A 352 7.92 -12.57 -22.06
C MET A 352 9.23 -11.94 -22.55
N GLU A 353 9.23 -10.61 -22.64
CA GLU A 353 10.48 -9.89 -22.78
C GLU A 353 11.33 -10.09 -21.53
N ILE A 354 12.62 -10.26 -21.73
CA ILE A 354 13.54 -10.47 -20.63
C ILE A 354 13.84 -9.11 -19.99
N SER A 355 13.79 -9.07 -18.67
CA SER A 355 14.07 -7.86 -17.93
C SER A 355 15.51 -7.41 -18.14
N PRO A 356 15.82 -6.14 -17.88
CA PRO A 356 17.21 -5.69 -18.01
C PRO A 356 18.12 -6.51 -17.09
N MET A 357 19.29 -6.86 -17.58
CA MET A 357 20.28 -7.65 -16.87
C MET A 357 19.88 -9.10 -16.59
N CYS A 358 18.80 -9.56 -17.15
CA CYS A 358 18.39 -10.94 -16.91
C CYS A 358 18.65 -11.87 -18.08
N ASP A 359 19.16 -11.37 -19.21
CA ASP A 359 19.37 -12.20 -20.39
C ASP A 359 20.81 -12.68 -20.45
N LYS A 360 21.02 -13.96 -20.10
CA LYS A 360 22.37 -14.50 -20.03
C LYS A 360 23.04 -14.60 -21.41
N HIS A 361 22.26 -14.63 -22.49
CA HIS A 361 22.84 -14.64 -23.83
C HIS A 361 23.15 -13.24 -24.34
N ASN A 362 22.84 -12.20 -23.56
CA ASN A 362 23.07 -10.82 -23.97
C ASN A 362 23.47 -9.96 -22.78
N ALA A 363 24.22 -10.52 -21.84
CA ALA A 363 24.61 -9.80 -20.64
C ALA A 363 25.94 -9.08 -20.86
N SER A 364 26.15 -8.04 -20.05
CA SER A 364 27.47 -7.39 -19.91
C SER A 364 27.62 -7.07 -18.43
N VAL A 365 28.14 -8.03 -17.66
CA VAL A 365 28.13 -7.91 -16.20
C VAL A 365 28.89 -6.66 -15.77
N GLU A 366 30.12 -6.51 -16.27
CA GLU A 366 30.97 -5.40 -15.87
C GLU A 366 30.33 -4.07 -16.21
N LYS A 367 29.83 -3.94 -17.45
CA LYS A 367 29.26 -2.68 -17.94
C LYS A 367 28.04 -2.27 -17.12
N SER A 368 27.29 -3.26 -16.66
CA SER A 368 26.09 -3.01 -15.87
C SER A 368 26.42 -2.55 -14.46
N GLN A 369 27.43 -3.17 -13.82
CA GLN A 369 27.83 -2.69 -12.50
C GLN A 369 28.28 -1.23 -12.56
N VAL A 370 29.07 -0.88 -13.58
CA VAL A 370 29.47 0.51 -13.79
C VAL A 370 28.24 1.38 -14.01
N GLY A 371 27.34 0.94 -14.88
CA GLY A 371 26.06 1.64 -15.04
C GLY A 371 25.32 1.80 -13.73
N PHE A 372 25.15 0.71 -12.99
CA PHE A 372 24.37 0.79 -11.77
C PHE A 372 25.02 1.71 -10.74
N ILE A 373 26.36 1.68 -10.65
CA ILE A 373 27.02 2.57 -9.69
C ILE A 373 26.85 4.03 -10.12
N ASP A 374 27.07 4.31 -11.40
CA ASP A 374 27.07 5.70 -11.85
C ASP A 374 25.69 6.34 -11.71
N TYR A 375 24.62 5.58 -12.00
CA TYR A 375 23.28 6.16 -12.02
C TYR A 375 22.49 5.95 -10.72
N ILE A 376 22.85 4.97 -9.89
CA ILE A 376 22.09 4.63 -8.70
C ILE A 376 22.96 4.67 -7.44
N VAL A 377 23.98 3.82 -7.39
CA VAL A 377 24.66 3.61 -6.11
C VAL A 377 25.47 4.85 -5.73
N HIS A 378 26.24 5.41 -6.67
CA HIS A 378 27.08 6.57 -6.32
C HIS A 378 26.27 7.83 -6.04
N PRO A 379 25.25 8.19 -6.83
CA PRO A 379 24.44 9.37 -6.44
C PRO A 379 23.87 9.23 -5.04
N LEU A 380 23.41 8.04 -4.65
CA LEU A 380 22.90 7.84 -3.31
C LEU A 380 24.02 7.98 -2.26
N TRP A 381 25.11 7.22 -2.40
CA TRP A 381 26.16 7.23 -1.38
C TRP A 381 26.84 8.58 -1.27
N GLU A 382 26.99 9.28 -2.39
CA GLU A 382 27.56 10.63 -2.36
C GLU A 382 26.66 11.56 -1.57
N THR A 383 25.35 11.37 -1.72
CA THR A 383 24.42 12.18 -0.95
C THR A 383 24.47 11.80 0.54
N TRP A 384 24.46 10.51 0.85
CA TRP A 384 24.63 10.10 2.24
C TRP A 384 25.94 10.64 2.81
N ALA A 385 27.03 10.54 2.04
CA ALA A 385 28.32 11.05 2.51
C ALA A 385 28.24 12.52 2.89
N ASP A 386 27.52 13.33 2.09
CA ASP A 386 27.29 14.73 2.41
C ASP A 386 26.52 14.89 3.72
N LEU A 387 25.47 14.09 3.91
CA LEU A 387 24.71 14.16 5.15
C LEU A 387 25.61 13.98 6.37
N VAL A 388 26.54 13.02 6.33
CA VAL A 388 27.35 12.67 7.50
C VAL A 388 28.81 13.10 7.33
N HIS A 389 29.07 14.07 6.47
CA HIS A 389 30.43 14.54 6.18
C HIS A 389 31.25 14.87 7.43
N PRO A 390 32.48 14.34 7.51
CA PRO A 390 33.18 13.49 6.53
C PRO A 390 33.16 12.01 6.84
N ASP A 391 32.28 11.59 7.76
CA ASP A 391 32.32 10.24 8.33
C ASP A 391 32.39 9.14 7.27
N ALA A 392 31.81 9.35 6.10
CA ALA A 392 31.67 8.26 5.15
C ALA A 392 32.70 8.32 4.03
N GLN A 393 33.77 9.10 4.20
CA GLN A 393 34.72 9.34 3.11
C GLN A 393 35.41 8.04 2.67
N ASP A 394 35.79 7.18 3.61
CA ASP A 394 36.44 5.93 3.22
C ASP A 394 35.48 5.03 2.43
N ILE A 395 34.21 4.97 2.84
CA ILE A 395 33.22 4.16 2.14
C ILE A 395 33.05 4.64 0.70
N LEU A 396 32.93 5.96 0.54
CA LEU A 396 32.77 6.53 -0.80
C LEU A 396 34.03 6.31 -1.64
N ASP A 397 35.21 6.44 -1.02
CA ASP A 397 36.46 6.13 -1.72
C ASP A 397 36.47 4.68 -2.21
N THR A 398 36.06 3.74 -1.35
CA THR A 398 36.07 2.35 -1.77
C THR A 398 35.13 2.15 -2.95
N LEU A 399 33.95 2.77 -2.90
CA LEU A 399 33.01 2.71 -4.01
C LEU A 399 33.65 3.26 -5.30
N GLU A 400 34.38 4.36 -5.21
CA GLU A 400 34.96 4.95 -6.41
C GLU A 400 36.06 4.06 -6.98
N ASP A 401 36.83 3.38 -6.11
CA ASP A 401 37.84 2.43 -6.58
C ASP A 401 37.18 1.22 -7.26
N ASN A 402 36.17 0.64 -6.60
CA ASN A 402 35.48 -0.52 -7.17
C ASN A 402 34.88 -0.18 -8.52
N ARG A 403 34.35 1.04 -8.66
CA ARG A 403 33.82 1.48 -9.94
C ARG A 403 34.93 1.56 -10.98
N GLU A 404 36.05 2.18 -10.61
CA GLU A 404 37.22 2.23 -11.49
C GLU A 404 37.67 0.84 -11.87
N TRP A 405 37.66 -0.10 -10.92
CA TRP A 405 38.14 -1.43 -11.24
C TRP A 405 37.20 -2.12 -12.21
N TYR A 406 35.89 -2.09 -11.96
CA TYR A 406 34.96 -2.71 -12.91
C TYR A 406 35.07 -2.08 -14.29
N GLN A 407 35.20 -0.74 -14.34
CA GLN A 407 35.40 -0.06 -15.62
C GLN A 407 36.65 -0.58 -16.34
N SER A 408 37.74 -0.80 -15.60
CA SER A 408 39.02 -1.18 -16.22
C SER A 408 38.95 -2.52 -16.91
N THR A 409 37.95 -3.35 -16.60
CA THR A 409 37.79 -4.66 -17.19
C THR A 409 36.78 -4.64 -18.33
N ILE A 410 36.68 -3.52 -19.04
CA ILE A 410 35.87 -3.47 -20.25
C ILE A 410 36.80 -3.17 -21.42
N LEU B 92 -40.34 -5.77 -10.62
CA LEU B 92 -38.89 -5.54 -10.56
C LEU B 92 -38.46 -4.72 -11.77
N ALA B 93 -38.86 -5.16 -12.96
CA ALA B 93 -38.41 -4.52 -14.19
C ALA B 93 -38.87 -3.07 -14.31
N LYS B 94 -39.94 -2.68 -13.61
CA LYS B 94 -40.42 -1.30 -13.69
C LYS B 94 -39.60 -0.39 -12.78
N GLU B 95 -39.22 -0.89 -11.61
CA GLU B 95 -38.27 -0.18 -10.77
C GLU B 95 -36.96 0.05 -11.53
N LEU B 96 -36.44 -1.01 -12.18
CA LEU B 96 -35.17 -0.89 -12.88
C LEU B 96 -35.23 0.11 -14.03
N GLU B 97 -36.43 0.46 -14.49
CA GLU B 97 -36.59 1.47 -15.54
C GLU B 97 -36.00 2.80 -15.11
N ASP B 98 -35.77 3.00 -13.82
CA ASP B 98 -35.25 4.25 -13.30
C ASP B 98 -33.74 4.19 -13.03
N VAL B 99 -33.07 3.16 -13.55
CA VAL B 99 -31.64 2.94 -13.32
C VAL B 99 -30.85 4.21 -13.59
N ASN B 100 -31.38 5.09 -14.43
CA ASN B 100 -30.67 6.30 -14.81
C ASN B 100 -30.96 7.49 -13.92
N LYS B 101 -31.78 7.34 -12.88
CA LYS B 101 -32.17 8.49 -12.07
C LYS B 101 -31.56 8.43 -10.68
N TRP B 102 -31.07 9.58 -10.23
CA TRP B 102 -30.68 9.77 -8.84
C TRP B 102 -31.88 9.50 -7.94
N GLY B 103 -31.70 8.62 -6.98
CA GLY B 103 -32.80 8.22 -6.13
C GLY B 103 -33.55 6.99 -6.57
N LEU B 104 -32.92 6.10 -7.33
CA LEU B 104 -33.47 4.78 -7.57
C LEU B 104 -33.87 4.15 -6.25
N HIS B 105 -34.94 3.34 -6.28
CA HIS B 105 -35.48 2.68 -5.07
C HIS B 105 -34.73 1.37 -4.82
N VAL B 106 -33.48 1.53 -4.41
CA VAL B 106 -32.56 0.40 -4.34
C VAL B 106 -33.03 -0.63 -3.32
N PHE B 107 -33.67 -0.18 -2.23
CA PHE B 107 -34.05 -1.14 -1.19
C PHE B 107 -35.15 -2.07 -1.67
N ARG B 108 -36.13 -1.52 -2.39
CA ARG B 108 -37.20 -2.36 -2.93
C ARG B 108 -36.70 -3.21 -4.11
N ILE B 109 -35.75 -2.70 -4.88
CA ILE B 109 -35.08 -3.54 -5.86
C ILE B 109 -34.37 -4.69 -5.16
N ALA B 110 -33.74 -4.39 -4.02
CA ALA B 110 -33.16 -5.45 -3.20
C ALA B 110 -34.24 -6.44 -2.75
N GLU B 111 -35.37 -5.92 -2.26
CA GLU B 111 -36.50 -6.75 -1.89
C GLU B 111 -36.95 -7.62 -3.07
N LEU B 112 -37.18 -7.01 -4.23
CA LEU B 112 -37.84 -7.74 -5.32
C LEU B 112 -36.90 -8.74 -6.00
N SER B 113 -35.61 -8.49 -5.99
CA SER B 113 -34.68 -9.33 -6.75
C SER B 113 -34.22 -10.55 -5.97
N GLY B 114 -34.87 -10.87 -4.86
CA GLY B 114 -34.41 -11.96 -4.03
C GLY B 114 -33.08 -11.65 -3.37
N ASN B 115 -32.90 -10.42 -2.90
CA ASN B 115 -31.64 -9.93 -2.33
C ASN B 115 -30.50 -10.04 -3.33
N ARG B 116 -30.75 -9.56 -4.54
CA ARG B 116 -29.72 -9.53 -5.56
C ARG B 116 -29.66 -8.17 -6.25
N PRO B 117 -29.69 -7.05 -5.50
CA PRO B 117 -29.62 -5.75 -6.17
C PRO B 117 -28.32 -5.52 -6.92
N LEU B 118 -27.20 -6.05 -6.42
CA LEU B 118 -25.94 -5.82 -7.11
C LEU B 118 -25.97 -6.48 -8.49
N THR B 119 -26.33 -7.77 -8.54
CA THR B 119 -26.40 -8.46 -9.83
C THR B 119 -27.35 -7.76 -10.80
N VAL B 120 -28.60 -7.54 -10.39
CA VAL B 120 -29.59 -7.03 -11.34
C VAL B 120 -29.25 -5.60 -11.77
N ILE B 121 -28.72 -4.79 -10.87
CA ILE B 121 -28.43 -3.40 -11.24
C ILE B 121 -27.18 -3.33 -12.11
N MET B 122 -26.17 -4.13 -11.78
CA MET B 122 -24.97 -4.20 -12.62
C MET B 122 -25.33 -4.72 -14.02
N HIS B 123 -26.11 -5.81 -14.07
CA HIS B 123 -26.55 -6.33 -15.37
C HIS B 123 -27.26 -5.25 -16.17
N THR B 124 -28.25 -4.60 -15.55
CA THR B 124 -28.98 -3.54 -16.24
C THR B 124 -28.03 -2.47 -16.74
N ILE B 125 -27.12 -2.01 -15.88
CA ILE B 125 -26.24 -0.91 -16.26
C ILE B 125 -25.32 -1.33 -17.42
N PHE B 126 -24.88 -2.59 -17.41
CA PHE B 126 -24.03 -3.07 -18.50
C PHE B 126 -24.80 -3.08 -19.82
N GLN B 127 -26.04 -3.57 -19.80
CA GLN B 127 -26.89 -3.49 -20.99
C GLN B 127 -27.06 -2.04 -21.44
N GLU B 128 -27.45 -1.16 -20.52
CA GLU B 128 -27.72 0.23 -20.85
C GLU B 128 -26.54 0.89 -21.54
N ARG B 129 -25.32 0.47 -21.24
CA ARG B 129 -24.12 1.04 -21.85
C ARG B 129 -23.55 0.17 -22.95
N ASP B 130 -24.15 -0.99 -23.21
CA ASP B 130 -23.74 -1.89 -24.28
C ASP B 130 -22.31 -2.40 -24.06
N LEU B 131 -21.92 -2.55 -22.78
CA LEU B 131 -20.60 -3.04 -22.45
C LEU B 131 -20.46 -4.53 -22.70
N LEU B 132 -21.57 -5.27 -22.74
CA LEU B 132 -21.50 -6.70 -23.02
C LEU B 132 -21.10 -7.00 -24.45
N LYS B 133 -21.14 -6.00 -25.35
CA LYS B 133 -20.65 -6.17 -26.71
C LYS B 133 -19.49 -5.25 -27.08
N THR B 134 -19.33 -4.10 -26.41
CA THR B 134 -18.10 -3.32 -26.55
C THR B 134 -16.86 -4.13 -26.15
N PHE B 135 -16.99 -5.08 -25.18
CA PHE B 135 -15.88 -5.82 -24.59
C PHE B 135 -16.13 -7.33 -24.64
N LYS B 136 -17.09 -7.77 -25.46
CA LYS B 136 -17.42 -9.18 -25.73
C LYS B 136 -17.57 -10.02 -24.46
N ILE B 137 -18.45 -9.57 -23.56
CA ILE B 137 -18.66 -10.23 -22.28
C ILE B 137 -19.81 -11.22 -22.43
N PRO B 138 -19.55 -12.52 -22.38
CA PRO B 138 -20.66 -13.48 -22.40
C PRO B 138 -21.61 -13.22 -21.23
N VAL B 139 -22.89 -13.06 -21.56
CA VAL B 139 -23.83 -12.61 -20.54
C VAL B 139 -23.85 -13.54 -19.35
N ASP B 140 -23.67 -14.85 -19.59
CA ASP B 140 -23.67 -15.79 -18.48
C ASP B 140 -22.40 -15.66 -17.64
N THR B 141 -21.30 -15.24 -18.26
CA THR B 141 -20.09 -14.97 -17.50
C THR B 141 -20.24 -13.73 -16.63
N LEU B 142 -20.91 -12.70 -17.15
CA LEU B 142 -21.30 -11.57 -16.31
C LEU B 142 -22.10 -12.05 -15.10
N ILE B 143 -23.21 -12.76 -15.34
CA ILE B 143 -24.10 -13.15 -14.25
C ILE B 143 -23.38 -14.03 -13.25
N THR B 144 -22.56 -14.98 -13.74
CA THR B 144 -21.85 -15.87 -12.85
C THR B 144 -20.94 -15.08 -11.89
N TYR B 145 -20.19 -14.13 -12.44
CA TYR B 145 -19.28 -13.33 -11.62
C TYR B 145 -20.05 -12.40 -10.69
N LEU B 146 -21.07 -11.71 -11.21
CA LEU B 146 -21.83 -10.78 -10.38
C LEU B 146 -22.46 -11.48 -9.19
N MET B 147 -22.94 -12.72 -9.40
CA MET B 147 -23.55 -13.47 -8.30
C MET B 147 -22.51 -13.86 -7.26
N THR B 148 -21.35 -14.33 -7.71
CA THR B 148 -20.26 -14.67 -6.79
C THR B 148 -19.79 -13.44 -6.04
N LEU B 149 -19.62 -12.33 -6.76
CA LEU B 149 -19.28 -11.07 -6.13
C LEU B 149 -20.27 -10.72 -5.03
N GLU B 150 -21.56 -10.69 -5.36
CA GLU B 150 -22.59 -10.35 -4.39
C GLU B 150 -22.61 -11.31 -3.20
N ASP B 151 -22.36 -12.60 -3.45
CA ASP B 151 -22.30 -13.57 -2.36
C ASP B 151 -21.20 -13.23 -1.36
N HIS B 152 -20.15 -12.54 -1.81
CA HIS B 152 -19.03 -12.21 -0.93
C HIS B 152 -19.23 -10.91 -0.18
N TYR B 153 -20.37 -10.23 -0.37
CA TYR B 153 -20.79 -9.20 0.57
C TYR B 153 -21.57 -9.88 1.69
N HIS B 154 -21.36 -9.40 2.92
CA HIS B 154 -21.94 -10.06 4.09
C HIS B 154 -23.39 -9.61 4.29
N ALA B 155 -24.30 -10.57 4.44
CA ALA B 155 -25.70 -10.22 4.66
C ALA B 155 -25.99 -9.78 6.09
N ASP B 156 -25.16 -10.17 7.05
CA ASP B 156 -25.33 -9.75 8.43
C ASP B 156 -24.55 -8.48 8.78
N VAL B 157 -24.20 -7.66 7.78
CA VAL B 157 -23.57 -6.37 7.98
C VAL B 157 -24.55 -5.31 7.48
N ALA B 158 -24.95 -4.38 8.37
CA ALA B 158 -26.10 -3.52 8.07
C ALA B 158 -25.84 -2.50 6.98
N TYR B 159 -24.62 -1.97 6.87
CA TYR B 159 -24.36 -0.93 5.89
C TYR B 159 -23.50 -1.43 4.73
N HIS B 160 -22.29 -1.94 4.97
CA HIS B 160 -21.34 -2.30 3.91
C HIS B 160 -21.65 -3.69 3.36
N ASN B 161 -22.78 -3.76 2.66
CA ASN B 161 -23.27 -5.04 2.15
C ASN B 161 -23.51 -4.82 0.65
N ASN B 162 -24.23 -5.76 0.04
CA ASN B 162 -24.50 -5.69 -1.39
C ASN B 162 -25.45 -4.54 -1.74
N ILE B 163 -26.34 -4.15 -0.82
CA ILE B 163 -27.22 -3.05 -1.16
C ILE B 163 -26.43 -1.76 -1.32
N HIS B 164 -25.49 -1.52 -0.38
CA HIS B 164 -24.58 -0.37 -0.54
C HIS B 164 -23.77 -0.49 -1.82
N ALA B 165 -23.25 -1.69 -2.11
CA ALA B 165 -22.50 -1.84 -3.35
C ALA B 165 -23.36 -1.45 -4.55
N ALA B 166 -24.56 -2.03 -4.65
CA ALA B 166 -25.46 -1.70 -5.74
C ALA B 166 -25.74 -0.21 -5.81
N ASP B 167 -25.92 0.43 -4.65
CA ASP B 167 -26.24 1.84 -4.66
C ASP B 167 -25.07 2.67 -5.17
N VAL B 168 -23.83 2.26 -4.84
CA VAL B 168 -22.68 3.04 -5.28
C VAL B 168 -22.46 2.83 -6.78
N VAL B 169 -22.64 1.59 -7.26
CA VAL B 169 -22.62 1.32 -8.69
C VAL B 169 -23.59 2.25 -9.42
N GLN B 170 -24.86 2.24 -9.00
CA GLN B 170 -25.87 3.01 -9.71
C GLN B 170 -25.60 4.51 -9.61
N SER B 171 -25.13 4.97 -8.45
CA SER B 171 -24.82 6.40 -8.31
C SER B 171 -23.68 6.81 -9.24
N THR B 172 -22.62 6.01 -9.29
CA THR B 172 -21.53 6.29 -10.23
C THR B 172 -22.04 6.26 -11.66
N HIS B 173 -22.90 5.29 -11.98
CA HIS B 173 -23.45 5.18 -13.33
C HIS B 173 -24.18 6.47 -13.74
N VAL B 174 -24.97 7.03 -12.82
CA VAL B 174 -25.61 8.31 -13.08
C VAL B 174 -24.57 9.41 -13.24
N LEU B 175 -23.59 9.46 -12.33
CA LEU B 175 -22.62 10.54 -12.34
C LEU B 175 -21.72 10.50 -13.57
N LEU B 176 -21.61 9.35 -14.23
CA LEU B 176 -20.86 9.28 -15.48
C LEU B 176 -21.64 9.87 -16.64
N SER B 177 -22.95 10.05 -16.48
CA SER B 177 -23.81 10.55 -17.53
C SER B 177 -24.12 12.01 -17.39
N THR B 178 -23.34 12.74 -16.60
CA THR B 178 -23.57 14.16 -16.47
C THR B 178 -23.11 14.87 -17.73
N PRO B 179 -24.00 15.63 -18.43
CA PRO B 179 -23.59 16.38 -19.63
C PRO B 179 -22.20 17.01 -19.55
N ALA B 180 -21.89 17.62 -18.40
CA ALA B 180 -20.57 18.22 -18.21
C ALA B 180 -19.42 17.24 -18.42
N LEU B 181 -19.70 15.93 -18.45
CA LEU B 181 -18.68 14.92 -18.64
C LEU B 181 -19.03 13.99 -19.79
N GLU B 182 -19.74 14.50 -20.80
CA GLU B 182 -20.25 13.64 -21.87
C GLU B 182 -19.09 13.16 -22.75
N ALA B 183 -19.03 11.84 -22.95
CA ALA B 183 -18.04 11.21 -23.83
C ALA B 183 -16.60 11.59 -23.47
N VAL B 184 -16.40 12.13 -22.26
CA VAL B 184 -15.08 12.52 -21.75
C VAL B 184 -14.24 11.31 -21.32
N PHE B 185 -14.90 10.16 -21.09
CA PHE B 185 -14.24 8.94 -20.62
C PHE B 185 -14.43 7.83 -21.64
N THR B 186 -13.37 7.07 -21.85
CA THR B 186 -13.41 5.91 -22.73
C THR B 186 -14.31 4.83 -22.14
N ASP B 187 -14.78 3.91 -22.99
CA ASP B 187 -15.52 2.76 -22.50
C ASP B 187 -14.72 1.90 -21.53
N LEU B 188 -13.40 2.02 -21.54
CA LEU B 188 -12.61 1.31 -20.55
C LEU B 188 -12.51 2.10 -19.27
N GLU B 189 -12.34 3.43 -19.38
CA GLU B 189 -12.43 4.29 -18.20
C GLU B 189 -13.81 4.19 -17.55
N ILE B 190 -14.85 4.06 -18.38
CA ILE B 190 -16.20 3.87 -17.88
C ILE B 190 -16.32 2.53 -17.19
N LEU B 191 -15.83 1.47 -17.83
CA LEU B 191 -15.90 0.15 -17.23
C LEU B 191 -15.14 0.07 -15.92
N ALA B 192 -14.03 0.81 -15.80
CA ALA B 192 -13.25 0.74 -14.58
C ALA B 192 -14.02 1.28 -13.40
N ALA B 193 -14.56 2.50 -13.53
CA ALA B 193 -15.30 3.14 -12.45
C ALA B 193 -16.52 2.34 -12.02
N ILE B 194 -17.19 1.67 -12.96
CA ILE B 194 -18.38 0.89 -12.61
C ILE B 194 -17.97 -0.43 -11.97
N PHE B 195 -16.94 -1.08 -12.50
CA PHE B 195 -16.43 -2.29 -11.85
C PHE B 195 -15.84 -1.96 -10.48
N ALA B 196 -15.04 -0.90 -10.40
CA ALA B 196 -14.52 -0.46 -9.11
C ALA B 196 -15.64 -0.26 -8.09
N SER B 197 -16.74 0.39 -8.50
CA SER B 197 -17.85 0.66 -7.57
C SER B 197 -18.48 -0.63 -7.08
N ALA B 198 -18.55 -1.65 -7.94
CA ALA B 198 -19.21 -2.89 -7.57
C ALA B 198 -18.40 -3.67 -6.54
N ILE B 199 -17.06 -3.66 -6.66
CA ILE B 199 -16.21 -4.45 -5.77
C ILE B 199 -15.70 -3.65 -4.59
N HIS B 200 -16.04 -2.36 -4.48
CA HIS B 200 -15.23 -1.47 -3.63
C HIS B 200 -15.37 -1.73 -2.13
N ASP B 201 -16.38 -2.48 -1.69
CA ASP B 201 -16.50 -2.83 -0.28
C ASP B 201 -16.64 -4.34 -0.07
N VAL B 202 -16.27 -5.16 -1.07
CA VAL B 202 -16.63 -6.56 -1.00
C VAL B 202 -15.94 -7.24 0.16
N ASP B 203 -16.69 -8.08 0.88
CA ASP B 203 -16.19 -8.84 2.04
C ASP B 203 -15.90 -7.93 3.23
N HIS B 204 -16.59 -6.79 3.32
CA HIS B 204 -16.40 -5.85 4.43
C HIS B 204 -16.88 -6.52 5.72
N PRO B 205 -16.05 -6.63 6.76
CA PRO B 205 -16.50 -7.26 8.01
C PRO B 205 -17.41 -6.40 8.86
N GLY B 206 -17.68 -5.16 8.49
CA GLY B 206 -18.49 -4.27 9.32
C GLY B 206 -17.73 -3.49 10.39
N VAL B 207 -16.41 -3.51 10.36
CA VAL B 207 -15.59 -2.72 11.27
C VAL B 207 -14.61 -1.89 10.46
N SER B 208 -14.11 -0.82 11.08
CA SER B 208 -13.25 0.17 10.46
C SER B 208 -11.81 -0.32 10.39
N ASN B 209 -11.02 0.37 9.57
CA ASN B 209 -9.60 0.05 9.47
C ASN B 209 -8.93 0.15 10.84
N GLN B 210 -9.21 1.24 11.56
CA GLN B 210 -8.61 1.43 12.88
C GLN B 210 -8.95 0.29 13.85
N PHE B 211 -10.20 -0.18 13.82
CA PHE B 211 -10.55 -1.34 14.64
C PHE B 211 -9.69 -2.55 14.27
N LEU B 212 -9.61 -2.85 12.96
CA LEU B 212 -8.77 -3.94 12.48
C LEU B 212 -7.32 -3.77 12.92
N ILE B 213 -6.83 -2.53 12.89
CA ILE B 213 -5.43 -2.29 13.29
C ILE B 213 -5.26 -2.51 14.78
N ASN B 214 -6.11 -1.88 15.60
CA ASN B 214 -5.97 -1.96 17.05
C ASN B 214 -6.25 -3.34 17.62
N THR B 215 -6.85 -4.24 16.85
CA THR B 215 -7.08 -5.59 17.36
C THR B 215 -6.10 -6.60 16.79
N ASN B 216 -5.05 -6.13 16.10
CA ASN B 216 -4.04 -6.99 15.51
C ASN B 216 -4.72 -8.10 14.70
N SER B 217 -5.65 -7.69 13.84
CA SER B 217 -6.37 -8.61 13.00
C SER B 217 -5.47 -9.18 11.90
N GLU B 218 -5.89 -10.32 11.36
CA GLU B 218 -5.13 -10.91 10.27
C GLU B 218 -5.10 -9.99 9.05
N LEU B 219 -6.16 -9.21 8.85
CA LEU B 219 -6.19 -8.26 7.73
C LEU B 219 -5.12 -7.19 7.88
N ALA B 220 -5.07 -6.53 9.05
CA ALA B 220 -4.10 -5.45 9.22
C ALA B 220 -2.68 -5.98 9.19
N LEU B 221 -2.47 -7.20 9.70
CA LEU B 221 -1.17 -7.84 9.65
C LEU B 221 -0.75 -8.12 8.22
N MET B 222 -1.70 -8.56 7.38
CA MET B 222 -1.42 -8.74 5.96
C MET B 222 -1.05 -7.41 5.29
N TYR B 223 -1.83 -6.37 5.55
CA TYR B 223 -1.71 -5.15 4.77
C TYR B 223 -0.97 -4.03 5.50
N ASN B 224 -0.28 -4.33 6.61
CA ASN B 224 0.64 -3.35 7.21
C ASN B 224 -0.07 -2.04 7.55
N ASP B 225 -1.31 -2.13 8.04
CA ASP B 225 -2.09 -1.02 8.61
C ASP B 225 -2.44 0.06 7.58
N SER B 226 -2.17 -0.16 6.29
CA SER B 226 -2.33 0.87 5.25
C SER B 226 -3.48 0.49 4.33
N SER B 227 -4.54 1.32 4.33
CA SER B 227 -5.75 1.09 3.54
C SER B 227 -6.14 -0.39 3.57
N VAL B 228 -6.29 -0.91 4.79
CA VAL B 228 -6.38 -2.35 5.02
C VAL B 228 -7.60 -2.94 4.32
N LEU B 229 -8.77 -2.33 4.52
CA LEU B 229 -10.00 -2.85 3.92
C LEU B 229 -10.00 -2.67 2.41
N GLU B 230 -9.54 -1.50 1.94
CA GLU B 230 -9.60 -1.21 0.51
C GLU B 230 -8.67 -2.15 -0.27
N ASN B 231 -7.51 -2.49 0.30
CA ASN B 231 -6.64 -3.48 -0.33
C ASN B 231 -7.34 -4.84 -0.42
N HIS B 232 -8.08 -5.22 0.63
CA HIS B 232 -8.76 -6.51 0.64
C HIS B 232 -9.96 -6.53 -0.32
N HIS B 233 -10.76 -5.46 -0.36
CA HIS B 233 -11.82 -5.36 -1.35
C HIS B 233 -11.30 -5.60 -2.76
N LEU B 234 -10.21 -4.89 -3.12
CA LEU B 234 -9.59 -5.05 -4.43
C LEU B 234 -9.15 -6.49 -4.68
N ALA B 235 -8.44 -7.07 -3.71
CA ALA B 235 -7.91 -8.43 -3.85
C ALA B 235 -9.02 -9.45 -4.03
N VAL B 236 -10.11 -9.32 -3.27
CA VAL B 236 -11.22 -10.27 -3.45
C VAL B 236 -11.90 -10.01 -4.79
N GLY B 237 -12.13 -8.74 -5.13
CA GLY B 237 -12.74 -8.42 -6.41
C GLY B 237 -12.03 -9.06 -7.59
N PHE B 238 -10.69 -8.96 -7.63
CA PHE B 238 -9.93 -9.53 -8.74
C PHE B 238 -9.83 -11.04 -8.63
N LYS B 239 -9.60 -11.57 -7.42
CA LYS B 239 -9.49 -13.02 -7.25
C LYS B 239 -10.74 -13.75 -7.77
N LEU B 240 -11.94 -13.23 -7.48
CA LEU B 240 -13.16 -13.91 -7.89
C LEU B 240 -13.28 -14.04 -9.39
N LEU B 241 -12.63 -13.15 -10.14
CA LEU B 241 -12.63 -13.27 -11.59
C LEU B 241 -12.05 -14.58 -12.08
N GLN B 242 -11.25 -15.25 -11.26
CA GLN B 242 -10.58 -16.50 -11.63
C GLN B 242 -11.42 -17.72 -11.30
N GLU B 243 -12.63 -17.53 -10.81
CA GLU B 243 -13.51 -18.66 -10.61
C GLU B 243 -14.05 -19.13 -11.95
N GLU B 244 -14.55 -20.37 -11.95
CA GLU B 244 -15.02 -20.98 -13.18
C GLU B 244 -16.13 -20.13 -13.81
N ASN B 245 -15.88 -19.70 -15.05
CA ASN B 245 -16.81 -18.92 -15.86
C ASN B 245 -17.12 -17.57 -15.22
N CYS B 246 -16.09 -16.95 -14.62
CA CYS B 246 -16.23 -15.65 -13.99
C CYS B 246 -15.38 -14.55 -14.63
N ASP B 247 -14.47 -14.87 -15.55
CA ASP B 247 -13.53 -13.88 -16.09
C ASP B 247 -14.24 -13.02 -17.13
N ILE B 248 -14.97 -12.01 -16.64
CA ILE B 248 -15.70 -11.12 -17.53
C ILE B 248 -14.79 -10.24 -18.37
N PHE B 249 -13.47 -10.29 -18.13
CA PHE B 249 -12.53 -9.51 -18.92
C PHE B 249 -11.73 -10.39 -19.88
N GLN B 250 -12.26 -11.56 -20.21
CA GLN B 250 -11.48 -12.55 -20.95
C GLN B 250 -11.19 -12.10 -22.38
N ASN B 251 -12.05 -11.24 -22.94
CA ASN B 251 -11.92 -10.77 -24.32
C ASN B 251 -11.47 -9.32 -24.38
N LEU B 252 -10.99 -8.77 -23.27
CA LEU B 252 -10.18 -7.56 -23.33
C LEU B 252 -8.77 -7.95 -23.76
N THR B 253 -8.11 -7.03 -24.45
CA THR B 253 -6.72 -7.24 -24.80
C THR B 253 -5.85 -7.16 -23.56
N LYS B 254 -4.59 -7.60 -23.69
CA LYS B 254 -3.75 -7.65 -22.50
C LYS B 254 -3.41 -6.26 -21.99
N LYS B 255 -3.27 -5.26 -22.88
CA LYS B 255 -3.00 -3.92 -22.38
C LYS B 255 -4.28 -3.27 -21.86
N GLN B 256 -5.44 -3.59 -22.44
CA GLN B 256 -6.71 -3.16 -21.85
C GLN B 256 -6.85 -3.70 -20.43
N ARG B 257 -6.69 -5.02 -20.28
CA ARG B 257 -6.72 -5.65 -18.95
C ARG B 257 -5.76 -4.95 -17.98
N GLN B 258 -4.51 -4.76 -18.40
CA GLN B 258 -3.54 -4.13 -17.52
C GLN B 258 -3.94 -2.70 -17.16
N SER B 259 -4.49 -1.97 -18.14
CA SER B 259 -4.90 -0.59 -17.89
C SER B 259 -6.09 -0.53 -16.95
N LEU B 260 -7.09 -1.37 -17.18
CA LEU B 260 -8.26 -1.48 -16.32
C LEU B 260 -7.87 -1.81 -14.88
N ARG B 261 -6.99 -2.79 -14.70
CA ARG B 261 -6.57 -3.20 -13.36
C ARG B 261 -6.01 -2.01 -12.60
N LYS B 262 -5.11 -1.25 -13.25
CA LYS B 262 -4.52 -0.09 -12.62
C LYS B 262 -5.57 0.96 -12.25
N MET B 263 -6.56 1.14 -13.11
CA MET B 263 -7.56 2.15 -12.84
C MET B 263 -8.43 1.75 -11.66
N VAL B 264 -8.86 0.48 -11.63
CA VAL B 264 -9.68 0.00 -10.53
C VAL B 264 -8.94 0.12 -9.20
N ILE B 265 -7.67 -0.29 -9.16
CA ILE B 265 -6.89 -0.19 -7.93
C ILE B 265 -6.84 1.27 -7.45
N ASP B 266 -6.36 2.18 -8.33
CA ASP B 266 -6.25 3.58 -7.93
C ASP B 266 -7.58 4.18 -7.50
N ILE B 267 -8.68 3.77 -8.15
CA ILE B 267 -10.00 4.22 -7.69
C ILE B 267 -10.32 3.67 -6.29
N VAL B 268 -10.25 2.35 -6.11
CA VAL B 268 -10.76 1.76 -4.87
C VAL B 268 -9.90 2.16 -3.68
N LEU B 269 -8.58 2.15 -3.86
CA LEU B 269 -7.71 2.65 -2.80
C LEU B 269 -8.09 4.06 -2.38
N ALA B 270 -8.60 4.87 -3.32
CA ALA B 270 -8.95 6.23 -2.97
C ALA B 270 -10.23 6.32 -2.15
N THR B 271 -10.99 5.23 -2.00
CA THR B 271 -12.21 5.32 -1.22
C THR B 271 -11.97 5.23 0.27
N ASP B 272 -10.73 4.92 0.69
CA ASP B 272 -10.32 4.99 2.09
C ASP B 272 -10.65 6.36 2.65
N MET B 273 -11.53 6.40 3.66
CA MET B 273 -11.98 7.70 4.17
C MET B 273 -10.85 8.52 4.79
N SER B 274 -9.74 7.89 5.18
CA SER B 274 -8.63 8.67 5.73
C SER B 274 -7.93 9.51 4.67
N LYS B 275 -8.26 9.33 3.39
CA LYS B 275 -7.69 10.10 2.31
C LYS B 275 -8.63 11.17 1.78
N HIS B 276 -9.76 11.39 2.47
CA HIS B 276 -10.78 12.32 1.96
C HIS B 276 -10.23 13.74 1.81
N MET B 277 -9.45 14.22 2.77
CA MET B 277 -8.94 15.59 2.69
C MET B 277 -7.99 15.77 1.51
N ASN B 278 -7.00 14.89 1.36
CA ASN B 278 -6.09 14.98 0.22
C ASN B 278 -6.86 14.92 -1.09
N LEU B 279 -7.87 14.06 -1.15
CA LEU B 279 -8.62 13.85 -2.37
C LEU B 279 -9.57 15.01 -2.64
N LEU B 280 -10.02 15.68 -1.58
CA LEU B 280 -10.80 16.91 -1.74
C LEU B 280 -9.92 18.06 -2.22
N ALA B 281 -8.78 18.26 -1.54
CA ALA B 281 -7.87 19.34 -1.95
C ALA B 281 -7.47 19.17 -3.41
N ASP B 282 -7.27 17.92 -3.84
CA ASP B 282 -6.97 17.67 -5.24
C ASP B 282 -8.15 18.09 -6.13
N LEU B 283 -9.37 17.84 -5.68
CA LEU B 283 -10.54 18.24 -6.46
C LEU B 283 -10.65 19.75 -6.56
N LYS B 284 -10.37 20.46 -5.46
CA LYS B 284 -10.46 21.93 -5.47
C LYS B 284 -9.45 22.52 -6.44
N THR B 285 -8.21 22.03 -6.37
CA THR B 285 -7.18 22.48 -7.30
C THR B 285 -7.63 22.30 -8.74
N MET B 286 -8.17 21.13 -9.08
CA MET B 286 -8.74 20.93 -10.41
C MET B 286 -9.89 21.88 -10.70
N VAL B 287 -10.54 22.45 -9.68
CA VAL B 287 -11.62 23.38 -9.97
C VAL B 287 -11.07 24.79 -10.21
N GLU B 288 -10.12 25.25 -9.38
CA GLU B 288 -9.55 26.59 -9.59
C GLU B 288 -8.89 26.68 -10.96
N THR B 289 -8.08 25.68 -11.32
CA THR B 289 -7.43 25.65 -12.63
C THR B 289 -8.28 24.94 -13.69
N LYS B 290 -9.59 24.86 -13.48
CA LYS B 290 -10.48 24.16 -14.40
C LYS B 290 -10.39 24.76 -15.80
N LYS B 291 -10.67 23.93 -16.80
CA LYS B 291 -10.68 24.32 -18.20
C LYS B 291 -11.80 23.58 -18.90
N VAL B 292 -12.55 24.31 -19.73
CA VAL B 292 -13.76 23.75 -20.30
C VAL B 292 -13.94 24.29 -21.72
N THR B 293 -14.35 23.38 -22.62
CA THR B 293 -14.91 23.57 -23.95
C THR B 293 -15.54 24.90 -24.36
N SER B 294 -15.99 24.98 -25.60
CA SER B 294 -16.86 26.06 -26.05
C SER B 294 -18.34 25.78 -25.77
N SER B 295 -18.71 24.55 -25.38
CA SER B 295 -20.09 24.07 -25.35
C SER B 295 -20.62 23.73 -23.95
N GLY B 296 -19.82 23.88 -22.89
CA GLY B 296 -20.12 23.35 -21.57
C GLY B 296 -19.22 22.25 -20.98
N VAL B 297 -18.66 21.38 -21.81
CA VAL B 297 -18.07 20.10 -21.36
C VAL B 297 -16.64 20.28 -20.85
N LEU B 298 -16.31 19.59 -19.76
CA LEU B 298 -15.00 19.65 -19.12
C LEU B 298 -13.90 19.08 -20.01
N LEU B 299 -12.67 19.60 -19.84
CA LEU B 299 -11.51 19.21 -20.65
C LEU B 299 -10.40 18.69 -19.75
N LEU B 300 -10.19 17.38 -19.77
CA LEU B 300 -9.10 16.72 -19.06
C LEU B 300 -8.14 16.14 -20.08
N ASP B 301 -6.85 16.29 -19.84
CA ASP B 301 -5.89 15.96 -20.89
C ASP B 301 -4.99 14.79 -20.55
N ASN B 302 -4.44 14.73 -19.33
CA ASN B 302 -3.56 13.66 -18.94
C ASN B 302 -4.26 12.76 -17.93
N TYR B 303 -3.90 11.47 -17.96
CA TYR B 303 -4.53 10.47 -17.11
C TYR B 303 -4.53 10.89 -15.65
N SER B 304 -3.48 11.59 -15.19
CA SER B 304 -3.41 12.01 -13.80
C SER B 304 -4.66 12.77 -13.37
N ASP B 305 -5.12 13.71 -14.18
CA ASP B 305 -6.33 14.44 -13.84
C ASP B 305 -7.59 13.63 -14.11
N ARG B 306 -7.60 12.77 -15.14
CA ARG B 306 -8.77 11.94 -15.40
C ARG B 306 -9.00 10.92 -14.28
N ILE B 307 -7.94 10.25 -13.84
CA ILE B 307 -8.13 9.23 -12.81
C ILE B 307 -8.65 9.87 -11.55
N GLN B 308 -8.19 11.08 -11.24
CA GLN B 308 -8.56 11.67 -9.98
C GLN B 308 -9.96 12.27 -10.01
N VAL B 309 -10.53 12.48 -11.21
CA VAL B 309 -11.96 12.78 -11.32
C VAL B 309 -12.77 11.51 -11.11
N LEU B 310 -12.26 10.37 -11.55
CA LEU B 310 -12.96 9.12 -11.29
C LEU B 310 -12.83 8.72 -9.83
N GLN B 311 -11.70 9.05 -9.19
CA GLN B 311 -11.56 8.82 -7.76
C GLN B 311 -12.56 9.65 -6.96
N ASN B 312 -12.61 10.96 -7.21
CA ASN B 312 -13.57 11.81 -6.52
C ASN B 312 -15.00 11.46 -6.90
N MET B 313 -15.22 10.93 -8.10
CA MET B 313 -16.58 10.55 -8.50
C MET B 313 -17.11 9.39 -7.65
N VAL B 314 -16.35 8.28 -7.61
CA VAL B 314 -16.74 7.11 -6.81
C VAL B 314 -16.77 7.47 -5.32
N HIS B 315 -15.87 8.35 -4.90
CA HIS B 315 -15.90 8.86 -3.53
C HIS B 315 -17.19 9.64 -3.28
N CYS B 316 -17.61 10.48 -4.24
CA CYS B 316 -18.90 11.16 -4.15
C CYS B 316 -20.04 10.15 -4.07
N ALA B 317 -19.99 9.13 -4.92
CA ALA B 317 -21.01 8.10 -4.91
C ALA B 317 -21.01 7.33 -3.59
N ASP B 318 -19.83 7.08 -3.03
CA ASP B 318 -19.73 6.47 -1.71
C ASP B 318 -20.42 7.33 -0.66
N LEU B 319 -20.25 8.65 -0.76
CA LEU B 319 -20.78 9.65 0.17
C LEU B 319 -22.06 10.30 -0.34
N SER B 320 -22.90 9.54 -1.04
CA SER B 320 -24.06 10.11 -1.68
C SER B 320 -25.36 9.88 -0.91
N ASN B 321 -25.35 9.05 0.14
CA ASN B 321 -26.57 8.83 0.91
C ASN B 321 -27.29 10.12 1.29
N PRO B 322 -26.64 11.16 1.84
CA PRO B 322 -27.37 12.37 2.22
C PRO B 322 -27.86 13.23 1.06
N THR B 323 -27.54 12.88 -0.19
CA THR B 323 -28.01 13.61 -1.37
C THR B 323 -29.23 12.95 -1.99
N LYS B 324 -29.67 11.82 -1.47
CA LYS B 324 -30.78 11.08 -2.02
C LYS B 324 -32.08 11.55 -1.39
N PRO B 325 -33.23 11.19 -1.98
CA PRO B 325 -34.51 11.44 -1.32
C PRO B 325 -34.51 10.97 0.13
N LEU B 326 -35.18 11.76 0.97
CA LEU B 326 -35.02 11.63 2.43
C LEU B 326 -35.35 10.22 2.92
N GLN B 327 -36.42 9.60 2.39
CA GLN B 327 -36.77 8.28 2.87
C GLN B 327 -35.70 7.24 2.53
N LEU B 328 -34.85 7.49 1.54
CA LEU B 328 -33.72 6.58 1.36
C LEU B 328 -32.60 6.92 2.34
N TYR B 329 -32.33 8.20 2.51
CA TYR B 329 -31.25 8.65 3.38
C TYR B 329 -31.48 8.22 4.83
N ARG B 330 -32.74 8.28 5.30
CA ARG B 330 -33.04 7.83 6.66
C ARG B 330 -32.66 6.37 6.85
N GLN B 331 -32.99 5.52 5.87
CA GLN B 331 -32.63 4.11 5.96
C GLN B 331 -31.12 3.93 6.02
N TRP B 332 -30.37 4.65 5.17
CA TRP B 332 -28.91 4.54 5.22
C TRP B 332 -28.37 5.02 6.56
N THR B 333 -29.04 5.99 7.19
CA THR B 333 -28.60 6.42 8.51
C THR B 333 -28.83 5.31 9.53
N ASP B 334 -30.02 4.68 9.50
CA ASP B 334 -30.30 3.55 10.38
C ASP B 334 -29.26 2.45 10.21
N ARG B 335 -28.87 2.17 8.97
CA ARG B 335 -27.95 1.07 8.72
C ARG B 335 -26.53 1.38 9.19
N ILE B 336 -26.00 2.57 8.85
CA ILE B 336 -24.64 2.89 9.31
C ILE B 336 -24.57 2.91 10.83
N MET B 337 -25.64 3.34 11.51
CA MET B 337 -25.55 3.43 12.96
C MET B 337 -25.67 2.06 13.60
N GLU B 338 -26.51 1.18 13.06
CA GLU B 338 -26.52 -0.19 13.54
C GLU B 338 -25.11 -0.79 13.46
N GLU B 339 -24.46 -0.62 12.31
CA GLU B 339 -23.11 -1.15 12.14
C GLU B 339 -22.11 -0.47 13.09
N PHE B 340 -22.16 0.86 13.19
CA PHE B 340 -21.26 1.55 14.11
C PHE B 340 -21.47 1.11 15.55
N PHE B 341 -22.73 0.95 15.98
CA PHE B 341 -23.00 0.60 17.37
C PHE B 341 -22.50 -0.81 17.69
N ARG B 342 -22.75 -1.78 16.79
CA ARG B 342 -22.21 -3.12 17.00
C ARG B 342 -20.69 -3.14 17.04
N GLN B 343 -20.01 -2.18 16.39
CA GLN B 343 -18.56 -2.08 16.55
C GLN B 343 -18.19 -1.51 17.91
N GLY B 344 -18.93 -0.50 18.38
CA GLY B 344 -18.67 0.05 19.69
C GLY B 344 -18.86 -0.96 20.81
N ASP B 345 -19.88 -1.82 20.68
CA ASP B 345 -20.06 -2.93 21.60
C ASP B 345 -18.84 -3.86 21.61
N ARG B 346 -18.20 -4.04 20.45
CA ARG B 346 -16.99 -4.86 20.44
C ARG B 346 -15.85 -4.11 21.10
N GLU B 347 -15.77 -2.82 20.87
CA GLU B 347 -14.76 -1.97 21.48
C GLU B 347 -14.96 -1.80 22.98
N ARG B 348 -16.14 -2.14 23.51
CA ARG B 348 -16.41 -2.01 24.93
C ARG B 348 -16.17 -3.33 25.65
N GLU B 349 -16.63 -4.44 25.09
CA GLU B 349 -16.34 -5.77 25.62
C GLU B 349 -14.85 -6.12 25.53
N ARG B 350 -13.99 -5.12 25.39
CA ARG B 350 -12.57 -5.29 25.10
C ARG B 350 -11.75 -4.14 25.67
N GLY B 351 -12.41 -3.07 26.08
CA GLY B 351 -11.70 -2.00 26.76
C GLY B 351 -10.94 -1.02 25.89
N MET B 352 -11.25 -0.94 24.60
CA MET B 352 -10.64 0.08 23.76
C MET B 352 -11.40 1.40 23.91
N GLU B 353 -10.79 2.48 23.41
CA GLU B 353 -11.49 3.76 23.38
C GLU B 353 -12.55 3.72 22.28
N ILE B 354 -13.83 3.86 22.66
CA ILE B 354 -14.92 3.64 21.70
C ILE B 354 -14.81 4.65 20.58
N SER B 355 -14.94 4.17 19.34
CA SER B 355 -14.76 5.03 18.20
C SER B 355 -15.89 6.05 18.11
N PRO B 356 -15.61 7.22 17.54
CA PRO B 356 -16.67 8.22 17.36
C PRO B 356 -17.96 7.59 16.80
N MET B 357 -19.09 8.08 17.27
CA MET B 357 -20.42 7.69 16.79
C MET B 357 -20.71 6.20 17.00
N CYS B 358 -19.89 5.48 17.75
CA CYS B 358 -20.09 4.05 17.96
C CYS B 358 -20.64 3.71 19.35
N ASP B 359 -20.83 4.68 20.22
CA ASP B 359 -21.33 4.44 21.57
C ASP B 359 -22.84 4.65 21.60
N LYS B 360 -23.60 3.56 21.69
CA LYS B 360 -25.04 3.69 21.78
C LYS B 360 -25.51 4.37 23.06
N HIS B 361 -24.64 4.52 24.06
CA HIS B 361 -24.96 5.18 25.33
C HIS B 361 -24.45 6.61 25.38
N ASN B 362 -23.98 7.16 24.26
CA ASN B 362 -23.66 8.58 24.20
C ASN B 362 -23.94 9.14 22.81
N ALA B 363 -24.75 8.46 22.01
CA ALA B 363 -24.93 8.80 20.62
C ALA B 363 -25.86 9.98 20.44
N SER B 364 -25.57 10.81 19.43
CA SER B 364 -26.49 11.84 18.97
C SER B 364 -26.63 11.66 17.46
N VAL B 365 -27.59 10.83 17.04
CA VAL B 365 -27.61 10.36 15.65
C VAL B 365 -27.81 11.52 14.69
N GLU B 366 -28.79 12.38 15.01
CA GLU B 366 -29.12 13.49 14.14
C GLU B 366 -28.01 14.54 14.11
N LYS B 367 -27.47 14.89 15.27
CA LYS B 367 -26.42 15.91 15.29
C LYS B 367 -25.20 15.44 14.52
N SER B 368 -24.87 14.15 14.62
CA SER B 368 -23.73 13.62 13.88
C SER B 368 -23.97 13.72 12.39
N GLN B 369 -25.21 13.46 11.93
CA GLN B 369 -25.51 13.58 10.51
C GLN B 369 -25.30 15.02 10.01
N VAL B 370 -25.82 16.00 10.76
CA VAL B 370 -25.62 17.40 10.41
C VAL B 370 -24.13 17.76 10.42
N GLY B 371 -23.41 17.31 11.44
CA GLY B 371 -21.97 17.53 11.47
C GLY B 371 -21.29 16.88 10.28
N PHE B 372 -21.58 15.59 10.04
CA PHE B 372 -20.95 14.88 8.93
C PHE B 372 -21.29 15.52 7.60
N ILE B 373 -22.48 16.12 7.48
CA ILE B 373 -22.80 16.88 6.27
C ILE B 373 -21.97 18.15 6.21
N ASP B 374 -21.96 18.92 7.31
CA ASP B 374 -21.30 20.22 7.32
C ASP B 374 -19.81 20.10 7.00
N TYR B 375 -19.16 19.07 7.55
CA TYR B 375 -17.71 18.99 7.49
C TYR B 375 -17.17 18.09 6.40
N ILE B 376 -17.91 17.07 5.97
CA ILE B 376 -17.43 16.11 4.98
C ILE B 376 -18.24 16.16 3.69
N VAL B 377 -19.55 15.94 3.78
CA VAL B 377 -20.33 15.63 2.58
C VAL B 377 -20.62 16.88 1.76
N HIS B 378 -20.97 17.99 2.42
CA HIS B 378 -21.31 19.19 1.65
C HIS B 378 -20.07 19.83 1.03
N PRO B 379 -18.94 20.01 1.74
CA PRO B 379 -17.72 20.47 1.05
C PRO B 379 -17.40 19.65 -0.19
N LEU B 380 -17.43 18.32 -0.08
CA LEU B 380 -17.14 17.47 -1.23
C LEU B 380 -18.16 17.68 -2.36
N TRP B 381 -19.46 17.67 -2.04
CA TRP B 381 -20.45 17.81 -3.09
C TRP B 381 -20.54 19.23 -3.64
N GLU B 382 -20.10 20.23 -2.88
CA GLU B 382 -20.05 21.58 -3.44
C GLU B 382 -18.93 21.71 -4.46
N THR B 383 -17.79 21.07 -4.21
CA THR B 383 -16.68 21.16 -5.16
C THR B 383 -16.99 20.36 -6.43
N TRP B 384 -17.63 19.20 -6.29
CA TRP B 384 -18.02 18.45 -7.47
C TRP B 384 -19.05 19.22 -8.31
N ALA B 385 -19.99 19.90 -7.66
CA ALA B 385 -21.00 20.62 -8.40
C ALA B 385 -20.41 21.84 -9.13
N ASP B 386 -19.42 22.50 -8.50
CA ASP B 386 -18.56 23.43 -9.23
C ASP B 386 -18.05 22.79 -10.52
N LEU B 387 -17.30 21.69 -10.37
CA LEU B 387 -16.64 21.05 -11.51
C LEU B 387 -17.62 20.74 -12.64
N VAL B 388 -18.81 20.24 -12.32
CA VAL B 388 -19.77 19.86 -13.35
C VAL B 388 -20.86 20.93 -13.55
N HIS B 389 -20.62 22.14 -13.06
CA HIS B 389 -21.61 23.22 -13.08
C HIS B 389 -22.28 23.40 -14.44
N PRO B 390 -23.61 23.38 -14.45
CA PRO B 390 -24.43 23.35 -13.23
C PRO B 390 -25.14 22.02 -13.02
N ASP B 391 -24.59 20.91 -13.51
CA ASP B 391 -25.36 19.67 -13.62
C ASP B 391 -25.76 19.08 -12.26
N ALA B 392 -25.02 19.37 -11.20
CA ALA B 392 -25.26 18.76 -9.90
C ALA B 392 -26.10 19.64 -8.98
N GLN B 393 -26.74 20.68 -9.50
CA GLN B 393 -27.46 21.61 -8.64
C GLN B 393 -28.64 20.93 -7.94
N ASP B 394 -29.36 20.07 -8.65
CA ASP B 394 -30.46 19.30 -8.05
C ASP B 394 -29.95 18.41 -6.92
N ILE B 395 -28.88 17.65 -7.18
CA ILE B 395 -28.23 16.87 -6.14
C ILE B 395 -27.90 17.74 -4.94
N LEU B 396 -27.27 18.89 -5.19
CA LEU B 396 -26.89 19.77 -4.09
C LEU B 396 -28.12 20.34 -3.40
N ASP B 397 -29.23 20.49 -4.14
CA ASP B 397 -30.48 20.95 -3.54
C ASP B 397 -31.00 19.93 -2.53
N THR B 398 -31.06 18.65 -2.94
CA THR B 398 -31.55 17.62 -2.05
C THR B 398 -30.68 17.50 -0.80
N LEU B 399 -29.36 17.67 -0.96
CA LEU B 399 -28.48 17.59 0.19
C LEU B 399 -28.80 18.68 1.18
N GLU B 400 -29.00 19.91 0.68
CA GLU B 400 -29.29 21.04 1.56
C GLU B 400 -30.66 20.88 2.25
N ASP B 401 -31.65 20.33 1.52
CA ASP B 401 -32.95 20.04 2.12
C ASP B 401 -32.81 19.02 3.23
N ASN B 402 -32.05 17.95 2.96
CA ASN B 402 -31.92 16.86 3.91
C ASN B 402 -31.18 17.33 5.15
N ARG B 403 -30.18 18.18 4.97
CA ARG B 403 -29.46 18.74 6.10
C ARG B 403 -30.42 19.55 6.98
N GLU B 404 -31.26 20.39 6.35
CA GLU B 404 -32.19 21.21 7.12
C GLU B 404 -33.20 20.36 7.87
N TRP B 405 -33.69 19.28 7.26
CA TRP B 405 -34.62 18.40 7.96
C TRP B 405 -33.96 17.77 9.18
N TYR B 406 -32.83 17.08 8.98
CA TYR B 406 -32.10 16.50 10.11
C TYR B 406 -31.83 17.52 11.19
N GLN B 407 -31.44 18.74 10.81
CA GLN B 407 -31.25 19.79 11.82
C GLN B 407 -32.55 20.06 12.56
N SER B 408 -33.68 20.06 11.87
CA SER B 408 -34.93 20.40 12.54
C SER B 408 -35.36 19.34 13.55
N THR B 409 -34.84 18.10 13.44
CA THR B 409 -35.15 17.08 14.42
C THR B 409 -34.38 17.22 15.73
N ILE B 410 -33.42 18.14 15.80
CA ILE B 410 -32.69 18.40 17.05
C ILE B 410 -33.45 19.48 17.81
N PRO B 411 -33.99 19.17 19.01
CA PRO B 411 -34.71 20.08 19.91
C PRO B 411 -33.99 21.40 20.10
ZN ZN C . 17.48 -6.21 -0.04
MG MG D . 14.17 -6.07 -1.31
O22 1AS E . 16.09 -1.26 -12.13
C21 1AS E . 25.19 -4.02 -6.62
C23 1AS E . 15.07 -2.07 -12.65
C25 1AS E . 16.43 -2.00 -9.50
C28 1AS E . 13.67 -1.06 -10.37
C32 1AS E . 19.76 -3.92 -5.45
C38 1AS E . 19.89 -0.80 -14.96
C35 1AS E . 17.82 -5.95 -2.91
C34 1AS E . 18.30 -5.22 -4.06
C33 1AS E . 19.47 -4.63 -4.17
C17 1AS E . 23.86 -5.97 -5.84
C16 1AS E . 24.85 -5.47 -6.86
C12 1AS E . 22.96 -5.12 -8.35
C13 1AS E . 22.06 -5.21 -7.25
C14 1AS E . 20.73 -4.76 -7.46
C18 1AS E . 22.55 -5.75 -5.99
C5 1AS E . 18.69 -3.06 -10.23
C4 1AS E . 19.68 -3.16 -11.23
C3 1AS E . 19.45 -2.72 -12.52
C6 1AS E . 17.45 -2.40 -10.54
C2 1AS E . 18.23 -2.11 -12.84
C1 1AS E . 17.25 -1.93 -11.85
O7 1AS E . 20.93 -3.70 -11.00
C8 1AS E . 21.26 -4.20 -9.76
C9 1AS E . 20.32 -4.23 -8.70
C10 1AS E . 18.96 -3.67 -8.93
C11 1AS E . 22.56 -4.63 -9.59
O15 1AS E . 24.25 -5.52 -8.19
O19 1AS E . 18.08 -3.79 -8.12
C20 1AS E . 26.09 -6.35 -6.93
O24 1AS E . 17.90 -1.65 -14.07
C26 1AS E . 15.19 -2.83 -9.56
C27 1AS E . 13.97 -2.46 -9.95
C29 1AS E . 12.79 -3.38 -9.98
O30 1AS E . 19.80 -4.85 -6.51
C31 1AS E . 18.80 -1.80 -15.14
O36 1AS E . 16.67 -6.34 -3.12
O37 1AS E . 18.39 -6.24 -1.95
C39 1AS E . 19.64 0.45 -14.39
C40 1AS E . 20.60 1.45 -14.39
C41 1AS E . 21.84 1.17 -14.95
C42 1AS E . 22.16 -0.07 -15.47
C43 1AS E . 21.18 -1.06 -15.46
F44 1AS E . 22.76 2.16 -15.02
ZN ZN F . -18.42 2.16 0.56
MG MG G . -15.33 1.36 2.00
O22 1AS H . -14.26 9.97 10.52
C21 1AS H . -24.15 9.32 5.55
C23 1AS H . -13.69 9.25 11.60
C25 1AS H . -14.98 8.61 8.21
C28 1AS H . -11.99 8.20 8.70
C32 1AS H . -19.08 6.95 4.75
C38 1AS H . -17.38 12.77 12.76
C35 1AS H . -18.54 3.62 3.19
C34 1AS H . -18.50 4.81 4.02
C33 1AS H . -19.19 5.88 3.78
C17 1AS H . -23.61 6.90 5.44
C16 1AS H . -24.28 7.98 6.23
C12 1AS H . -22.29 8.03 7.63
C13 1AS H . -21.58 7.22 6.70
C14 1AS H . -20.17 7.16 6.83
C18 1AS H . -22.33 6.59 5.64
C5 1AS H . -17.44 8.74 9.07
C4 1AS H . -18.33 9.40 9.94
C3 1AS H . -17.88 10.15 11.00
C6 1AS H . -16.01 8.98 9.24
C2 1AS H . -16.52 10.33 11.21
C1 1AS H . -15.59 9.77 10.33
O7 1AS H . -19.69 9.37 9.76
C8 1AS H . -20.26 8.67 8.72
C9 1AS H . -19.48 7.90 7.83
C10 1AS H . -18.01 7.89 7.99
C11 1AS H . -21.65 8.74 8.64
O15 1AS H . -23.64 8.17 7.53
O19 1AS H . -17.33 7.17 7.35
C20 1AS H . -25.74 7.65 6.50
O24 1AS H . -15.98 10.95 12.28
C26 1AS H . -14.30 7.31 8.53
C27 1AS H . -13.01 7.11 8.75
C29 1AS H . -12.45 5.76 9.09
O30 1AS H . -19.43 6.38 6.00
C31 1AS H . -16.83 11.48 13.28
O36 1AS H . -17.81 2.79 3.57
O37 1AS H . -19.29 3.45 2.38
C39 1AS H . -16.59 13.62 11.97
C40 1AS H . -17.08 14.84 11.51
C41 1AS H . -18.36 15.22 11.88
C42 1AS H . -19.20 14.39 12.62
C43 1AS H . -18.70 13.17 13.05
F44 1AS H . -18.75 16.49 11.66
#